data_5C5V
#
_entry.id   5C5V
#
_cell.length_a   104.210
_cell.length_b   104.210
_cell.length_c   215.513
_cell.angle_alpha   90.000
_cell.angle_beta   90.000
_cell.angle_gamma   90.000
#
_symmetry.space_group_name_H-M   'P 42 21 2'
#
loop_
_entity.id
_entity.type
_entity.pdbx_description
1 polymer 'Acidocalcisomal pyrophosphatase'
2 non-polymer 'IMIDODIPHOSPHORIC ACID'
3 non-polymer 'MAGNESIUM ION'
4 non-polymer 'CHLORIDE ION'
5 non-polymer 'BROMIDE ION'
6 non-polymer 1,2-ETHANEDIOL
7 water water
#
_entity_poly.entity_id   1
_entity_poly.type   'polypeptide(L)'
_entity_poly.pdbx_seq_one_letter_code
;TQPMIKKIMSRLFSAFDVTHLGYLTPDKVEEVCRYLGRNMSDGDVKAMKAEINAIDGHVTFEKFWAWWCSHPVHSRTKCF
SMVSADFSMPYHQQQLVVHEKGEMYTPSYRVLYFFRDLETGRERQVSPWHDIPLYVRDLVRTKPEATPMNRYNFICEIPK
WTRAKFEIATGESFNPIKQDIKNGVPRFYKHGDMMWNYGAFPQTWESTEVLFEAGVTGDNDPVDAVEIGMTQFKVGQVSA
VKVLGVLGMIDEGKMDWKVVCISHNDPICRFMKDIHDVPKFLPGCLDAIREWFRVYKICQGGEASHFAFDGEFKDKEYAM
KVIDESHNMWHNLLKVNKRGEL
;
_entity_poly.pdbx_strand_id   A,B
#
# COMPACT_ATOMS: atom_id res chain seq x y z
N THR A 1 33.23 11.44 -37.71
CA THR A 1 33.17 9.99 -37.75
C THR A 1 32.95 9.28 -36.39
N GLN A 2 32.63 10.03 -35.34
CA GLN A 2 32.39 9.46 -34.02
C GLN A 2 31.05 8.73 -33.90
N PRO A 3 30.89 7.92 -32.84
CA PRO A 3 29.66 7.16 -32.55
C PRO A 3 28.39 7.99 -32.51
N MET A 4 28.51 9.26 -32.14
CA MET A 4 27.39 10.18 -32.17
C MET A 4 26.97 10.47 -33.62
N ILE A 5 27.94 10.62 -34.49
CA ILE A 5 27.66 10.87 -35.90
C ILE A 5 27.06 9.64 -36.54
N LYS A 6 27.54 8.48 -36.12
CA LYS A 6 27.05 7.23 -36.66
C LYS A 6 25.56 7.02 -36.36
N LYS A 7 25.11 7.42 -35.17
CA LYS A 7 23.71 7.28 -34.78
C LYS A 7 22.82 8.25 -35.55
N ILE A 8 23.32 9.47 -35.73
CA ILE A 8 22.65 10.44 -36.57
C ILE A 8 22.43 9.88 -37.98
N MET A 9 23.47 9.26 -38.54
CA MET A 9 23.39 8.73 -39.90
C MET A 9 22.52 7.49 -39.94
N SER A 10 22.47 6.77 -38.82
CA SER A 10 21.61 5.60 -38.69
C SER A 10 20.13 5.98 -38.70
N ARG A 11 19.77 7.06 -38.02
CA ARG A 11 18.40 7.58 -38.07
C ARG A 11 18.10 8.16 -39.45
N LEU A 12 19.10 8.78 -40.08
CA LEU A 12 18.95 9.29 -41.42
C LEU A 12 18.61 8.14 -42.39
N PHE A 13 19.34 7.05 -42.22
CA PHE A 13 19.19 5.88 -43.06
C PHE A 13 17.77 5.30 -42.93
N SER A 14 17.28 5.26 -41.70
CA SER A 14 15.95 4.73 -41.44
C SER A 14 14.87 5.54 -42.11
N ALA A 15 15.14 6.82 -42.35
CA ALA A 15 14.15 7.64 -43.05
C ALA A 15 14.09 7.30 -44.53
N PHE A 16 15.03 6.48 -44.99
CA PHE A 16 15.04 6.03 -46.38
C PHE A 16 14.84 4.52 -46.48
N ASP A 17 14.77 3.87 -45.32
CA ASP A 17 14.40 2.47 -45.18
C ASP A 17 13.39 2.33 -44.01
N VAL A 18 12.23 2.94 -44.17
CA VAL A 18 11.27 3.18 -43.07
C VAL A 18 10.71 1.87 -42.49
N THR A 19 10.70 0.88 -43.37
CA THR A 19 10.16 -0.42 -43.11
C THR A 19 11.23 -1.43 -42.68
N HIS A 20 12.46 -0.95 -42.50
CA HIS A 20 13.59 -1.78 -42.07
C HIS A 20 13.83 -2.99 -42.98
N LEU A 21 13.85 -2.77 -44.28
CA LEU A 21 14.30 -3.80 -45.21
C LEU A 21 15.75 -4.21 -44.93
N GLY A 22 16.52 -3.30 -44.34
CA GLY A 22 17.93 -3.52 -44.08
C GLY A 22 18.84 -2.97 -45.17
N TYR A 23 18.25 -2.43 -46.23
CA TYR A 23 19.06 -1.88 -47.33
C TYR A 23 18.32 -0.76 -48.08
N LEU A 24 19.03 -0.07 -48.95
CA LEU A 24 18.43 0.98 -49.75
C LEU A 24 18.03 0.45 -51.11
N THR A 25 16.75 0.54 -51.45
CA THR A 25 16.31 0.22 -52.81
C THR A 25 16.93 1.21 -53.79
N PRO A 26 16.89 0.90 -55.10
CA PRO A 26 17.45 1.85 -56.06
C PRO A 26 16.80 3.24 -55.97
N ASP A 27 15.48 3.28 -55.88
CA ASP A 27 14.75 4.54 -55.73
C ASP A 27 15.22 5.28 -54.48
N LYS A 28 15.47 4.53 -53.42
CA LYS A 28 15.92 5.12 -52.17
C LYS A 28 17.34 5.66 -52.29
N VAL A 29 18.14 5.02 -53.14
CA VAL A 29 19.51 5.46 -53.35
C VAL A 29 19.52 6.83 -54.03
N GLU A 30 18.69 6.99 -55.05
CA GLU A 30 18.58 8.29 -55.71
C GLU A 30 18.06 9.36 -54.74
N GLU A 31 17.12 8.97 -53.88
CA GLU A 31 16.50 9.92 -52.96
C GLU A 31 17.43 10.41 -51.84
N VAL A 32 18.26 9.53 -51.32
CA VAL A 32 19.18 9.93 -50.27
C VAL A 32 20.26 10.85 -50.87
N CYS A 33 20.56 10.66 -52.16
CA CYS A 33 21.50 11.52 -52.89
C CYS A 33 20.90 12.90 -53.18
N ARG A 34 19.64 12.91 -53.62
CA ARG A 34 18.93 14.17 -53.78
C ARG A 34 18.84 14.94 -52.45
N TYR A 35 18.79 14.22 -51.33
CA TYR A 35 18.70 14.87 -50.04
C TYR A 35 20.06 15.37 -49.54
N LEU A 36 21.06 14.49 -49.52
CA LEU A 36 22.41 14.86 -49.07
C LEU A 36 22.98 15.97 -49.95
N GLY A 37 22.59 15.93 -51.21
CA GLY A 37 23.02 16.84 -52.26
C GLY A 37 22.31 18.17 -52.30
N ARG A 38 21.34 18.36 -51.42
CA ARG A 38 20.53 19.57 -51.43
C ARG A 38 21.34 20.86 -51.26
N ASN A 39 22.47 20.80 -50.57
CA ASN A 39 23.26 21.99 -50.42
C ASN A 39 24.48 21.91 -51.32
N MET A 40 24.31 21.20 -52.43
CA MET A 40 25.36 21.01 -53.43
C MET A 40 24.77 21.27 -54.80
N SER A 41 25.62 21.19 -55.82
CA SER A 41 25.20 21.34 -57.20
C SER A 41 25.03 19.97 -57.82
N ASP A 42 26.15 19.55 -58.40
CA ASP A 42 26.32 18.27 -59.08
C ASP A 42 27.79 17.91 -59.08
N GLY A 43 28.66 18.93 -58.96
CA GLY A 43 30.11 18.70 -58.84
C GLY A 43 30.47 17.76 -57.72
N ASP A 44 30.07 18.06 -56.49
CA ASP A 44 30.31 17.11 -55.42
C ASP A 44 29.22 16.03 -55.41
N VAL A 45 28.07 16.33 -56.00
CA VAL A 45 26.94 15.39 -56.09
C VAL A 45 27.12 14.28 -57.12
N LYS A 46 27.60 14.64 -58.31
CA LYS A 46 27.83 13.67 -59.36
C LYS A 46 28.77 12.61 -58.83
N ALA A 47 29.82 13.07 -58.16
CA ALA A 47 30.78 12.19 -57.50
C ALA A 47 30.12 11.34 -56.41
N MET A 48 29.01 11.83 -55.84
CA MET A 48 28.36 11.12 -54.76
C MET A 48 27.46 9.96 -55.21
N LYS A 49 26.51 10.24 -56.10
CA LYS A 49 25.62 9.19 -56.61
C LYS A 49 26.40 8.13 -57.38
N ALA A 50 27.45 8.54 -58.09
CA ALA A 50 28.27 7.58 -58.80
C ALA A 50 28.96 6.67 -57.78
N GLU A 51 29.44 7.25 -56.69
CA GLU A 51 30.12 6.48 -55.65
C GLU A 51 29.21 5.44 -54.97
N ILE A 52 27.95 5.79 -54.74
CA ILE A 52 27.06 4.89 -54.04
C ILE A 52 26.57 3.80 -54.99
N ASN A 53 26.31 4.13 -56.24
CA ASN A 53 25.98 3.10 -57.23
C ASN A 53 27.07 2.04 -57.38
N ALA A 54 28.33 2.47 -57.26
CA ALA A 54 29.47 1.56 -57.40
C ALA A 54 29.69 0.67 -56.18
N ILE A 55 28.79 0.74 -55.20
CA ILE A 55 28.87 -0.17 -54.07
C ILE A 55 28.35 -1.52 -54.53
N ASP A 56 28.88 -2.59 -53.95
CA ASP A 56 28.57 -3.93 -54.45
C ASP A 56 27.43 -4.54 -53.66
N GLY A 57 26.36 -4.92 -54.36
CA GLY A 57 25.23 -5.56 -53.73
C GLY A 57 24.29 -4.57 -53.05
N HIS A 58 23.64 -5.00 -51.98
CA HIS A 58 22.68 -4.15 -51.29
C HIS A 58 23.37 -3.10 -50.44
N VAL A 59 22.92 -1.86 -50.56
CA VAL A 59 23.45 -0.80 -49.71
C VAL A 59 22.89 -0.93 -48.30
N THR A 60 23.53 -1.77 -47.49
CA THR A 60 23.16 -1.90 -46.09
C THR A 60 23.56 -0.62 -45.37
N PHE A 61 23.12 -0.44 -44.13
CA PHE A 61 23.54 0.76 -43.42
C PHE A 61 25.05 0.73 -43.26
N GLU A 62 25.57 -0.45 -42.97
CA GLU A 62 26.99 -0.63 -42.68
C GLU A 62 27.85 -0.20 -43.87
N LYS A 63 27.38 -0.50 -45.08
CA LYS A 63 28.12 -0.08 -46.26
C LYS A 63 27.91 1.40 -46.53
N PHE A 64 26.72 1.91 -46.23
CA PHE A 64 26.45 3.32 -46.38
C PHE A 64 27.35 4.12 -45.44
N TRP A 65 27.53 3.63 -44.22
CA TRP A 65 28.42 4.26 -43.26
C TRP A 65 29.84 4.28 -43.79
N ALA A 66 30.29 3.16 -44.36
CA ALA A 66 31.62 3.05 -44.92
C ALA A 66 31.85 4.08 -46.02
N TRP A 67 30.87 4.19 -46.93
CA TRP A 67 30.94 5.18 -47.99
C TRP A 67 31.04 6.58 -47.42
N TRP A 68 30.21 6.88 -46.43
CA TRP A 68 30.18 8.20 -45.82
C TRP A 68 31.54 8.55 -45.20
N CYS A 69 32.09 7.62 -44.43
CA CYS A 69 33.36 7.85 -43.76
C CYS A 69 34.54 7.96 -44.71
N SER A 70 34.39 7.46 -45.94
CA SER A 70 35.47 7.48 -46.92
C SER A 70 35.65 8.85 -47.58
N HIS A 71 34.66 9.73 -47.44
CA HIS A 71 34.75 11.10 -47.96
C HIS A 71 35.71 11.95 -47.13
N PRO A 72 36.13 13.11 -47.67
CA PRO A 72 37.06 13.98 -46.94
C PRO A 72 36.29 14.80 -45.90
N VAL A 73 36.78 14.79 -44.66
CA VAL A 73 36.02 15.29 -43.51
C VAL A 73 35.50 16.72 -43.67
N HIS A 74 36.08 17.48 -44.59
CA HIS A 74 35.60 18.84 -44.78
C HIS A 74 34.29 18.90 -45.59
N SER A 75 34.32 18.39 -46.83
CA SER A 75 33.15 18.41 -47.71
C SER A 75 31.95 17.70 -47.06
N ARG A 76 32.21 16.64 -46.32
CA ARG A 76 31.14 15.96 -45.61
C ARG A 76 30.40 16.97 -44.75
N THR A 77 31.17 17.71 -43.94
CA THR A 77 30.62 18.59 -42.92
C THR A 77 29.73 19.69 -43.52
N LYS A 78 29.93 20.05 -44.79
CA LYS A 78 29.07 21.09 -45.36
C LYS A 78 27.62 20.60 -45.43
N CYS A 79 27.40 19.40 -45.99
CA CYS A 79 26.03 18.91 -46.14
C CYS A 79 25.57 18.39 -44.78
N PHE A 80 26.52 17.92 -43.98
CA PHE A 80 26.22 17.35 -42.67
C PHE A 80 25.56 18.36 -41.75
N SER A 81 25.74 19.64 -42.00
CA SER A 81 25.09 20.64 -41.18
C SER A 81 23.58 20.53 -41.34
N MET A 82 23.13 20.24 -42.56
CA MET A 82 21.71 19.98 -42.80
C MET A 82 21.26 18.70 -42.11
N VAL A 83 22.02 17.63 -42.32
CA VAL A 83 21.74 16.34 -41.72
C VAL A 83 21.61 16.47 -40.21
N SER A 84 22.56 17.17 -39.61
CA SER A 84 22.59 17.32 -38.16
C SER A 84 21.37 18.05 -37.64
N ALA A 85 20.92 19.06 -38.37
CA ALA A 85 19.74 19.82 -37.98
C ALA A 85 18.47 18.94 -37.99
N ASP A 86 18.38 18.07 -38.98
CA ASP A 86 17.20 17.26 -39.18
C ASP A 86 17.19 15.97 -38.34
N PHE A 87 18.35 15.43 -38.06
CA PHE A 87 18.41 14.09 -37.48
C PHE A 87 19.18 13.96 -36.18
N SER A 88 19.73 15.05 -35.66
CA SER A 88 20.35 15.00 -34.34
C SER A 88 19.27 15.20 -33.28
N MET A 89 19.51 14.69 -32.09
CA MET A 89 18.54 14.84 -31.01
C MET A 89 18.54 16.25 -30.45
N PRO A 90 17.37 16.71 -29.97
CA PRO A 90 17.23 17.99 -29.28
C PRO A 90 18.20 18.10 -28.09
N TYR A 91 18.30 17.04 -27.30
CA TYR A 91 19.30 16.95 -26.25
C TYR A 91 19.77 15.51 -26.10
N HIS A 92 20.94 15.30 -25.52
CA HIS A 92 21.43 13.95 -25.31
C HIS A 92 20.87 13.38 -24.02
N GLN A 93 20.13 12.28 -24.13
CA GLN A 93 19.63 11.61 -22.96
C GLN A 93 20.77 10.94 -22.20
N GLN A 94 20.77 11.09 -20.87
CA GLN A 94 21.75 10.43 -20.01
C GLN A 94 21.07 9.29 -19.26
N GLN A 95 21.63 8.09 -19.39
CA GLN A 95 21.10 6.94 -18.67
C GLN A 95 21.79 6.83 -17.31
N LEU A 96 21.00 6.86 -16.24
CA LEU A 96 21.58 6.67 -14.92
C LEU A 96 21.96 5.21 -14.77
N VAL A 97 23.20 4.96 -14.39
CA VAL A 97 23.70 3.60 -14.24
C VAL A 97 24.23 3.43 -12.84
N VAL A 98 23.92 2.31 -12.21
CA VAL A 98 24.33 2.06 -10.84
C VAL A 98 25.24 0.84 -10.77
N HIS A 99 26.39 1.00 -10.12
CA HIS A 99 27.27 -0.14 -9.90
C HIS A 99 27.59 -0.33 -8.42
N GLU A 100 27.59 -1.58 -7.97
CA GLU A 100 27.98 -1.91 -6.61
C GLU A 100 29.45 -2.29 -6.56
N LYS A 101 30.10 -1.90 -5.48
CA LYS A 101 31.40 -2.43 -5.09
C LYS A 101 31.21 -3.15 -3.76
N GLY A 102 31.19 -4.49 -3.79
CA GLY A 102 30.88 -5.31 -2.62
C GLY A 102 31.86 -5.01 -1.50
N GLU A 103 31.65 -5.55 -0.30
CA GLU A 103 30.61 -6.55 -0.04
C GLU A 103 29.52 -5.99 0.87
N MET A 104 28.26 -6.21 0.49
CA MET A 104 27.15 -5.57 1.19
C MET A 104 27.14 -5.89 2.68
N TYR A 105 26.81 -4.88 3.48
CA TYR A 105 26.75 -4.96 4.94
C TYR A 105 28.12 -4.94 5.61
N THR A 106 29.17 -4.75 4.82
CA THR A 106 30.50 -4.49 5.37
C THR A 106 30.86 -3.06 5.04
N PRO A 107 31.90 -2.52 5.68
CA PRO A 107 32.24 -1.12 5.50
C PRO A 107 32.73 -0.76 4.09
N SER A 108 33.05 -1.77 3.28
CA SER A 108 33.63 -1.51 1.96
C SER A 108 32.56 -1.27 0.91
N TYR A 109 31.34 -1.69 1.21
CA TYR A 109 30.25 -1.60 0.25
C TYR A 109 29.97 -0.16 -0.20
N ARG A 110 29.84 0.02 -1.51
CA ARG A 110 29.51 1.32 -2.09
C ARG A 110 28.53 1.14 -3.25
N VAL A 111 27.63 2.10 -3.40
CA VAL A 111 26.80 2.17 -4.59
C VAL A 111 27.20 3.38 -5.40
N LEU A 112 27.76 3.14 -6.58
CA LEU A 112 28.27 4.20 -7.44
C LEU A 112 27.31 4.52 -8.55
N TYR A 113 27.29 5.79 -8.97
CA TYR A 113 26.42 6.28 -10.03
C TYR A 113 27.22 6.77 -11.23
N PHE A 114 26.69 6.50 -12.42
CA PHE A 114 27.29 6.94 -13.65
C PHE A 114 26.25 7.54 -14.59
N PHE A 115 26.74 8.30 -15.56
CA PHE A 115 25.93 8.70 -16.70
C PHE A 115 26.47 7.96 -17.91
N ARG A 116 25.56 7.38 -18.68
CA ARG A 116 25.90 6.89 -20.00
C ARG A 116 25.18 7.80 -20.99
N ASP A 117 25.93 8.61 -21.71
CA ASP A 117 25.36 9.41 -22.76
C ASP A 117 24.86 8.45 -23.86
N LEU A 118 23.55 8.44 -24.12
CA LEU A 118 22.97 7.45 -25.04
C LEU A 118 23.31 7.71 -26.51
N GLU A 119 23.82 8.90 -26.82
CA GLU A 119 24.21 9.23 -28.17
C GLU A 119 25.70 8.95 -28.41
N THR A 120 26.54 9.34 -27.46
CA THR A 120 27.98 9.10 -27.59
C THR A 120 28.39 7.75 -27.01
N GLY A 121 27.60 7.23 -26.07
CA GLY A 121 27.94 5.96 -25.42
C GLY A 121 29.02 6.09 -24.34
N ARG A 122 29.58 7.29 -24.18
CA ARG A 122 30.58 7.54 -23.15
C ARG A 122 29.97 7.53 -21.74
N GLU A 123 30.65 6.83 -20.83
CA GLU A 123 30.29 6.76 -19.42
C GLU A 123 31.16 7.66 -18.55
N ARG A 124 30.55 8.34 -17.58
CA ARG A 124 31.30 9.10 -16.60
C ARG A 124 30.65 8.90 -15.23
N GLN A 125 31.47 8.88 -14.18
CA GLN A 125 30.90 8.77 -12.85
C GLN A 125 30.32 10.13 -12.47
N VAL A 126 29.20 10.09 -11.75
CA VAL A 126 28.51 11.28 -11.29
C VAL A 126 28.14 11.16 -9.82
N SER A 127 27.66 12.26 -9.26
CA SER A 127 27.20 12.23 -7.87
C SER A 127 25.69 12.15 -7.79
N PRO A 128 25.15 11.16 -7.06
CA PRO A 128 23.70 11.09 -6.92
C PRO A 128 23.17 12.36 -6.26
N TRP A 129 23.97 12.95 -5.39
CA TRP A 129 23.63 14.20 -4.73
C TRP A 129 23.62 15.40 -5.69
N HIS A 130 24.71 15.59 -6.44
CA HIS A 130 24.81 16.82 -7.22
C HIS A 130 24.25 16.69 -8.63
N ASP A 131 24.31 15.51 -9.21
CA ASP A 131 24.08 15.41 -10.65
C ASP A 131 22.70 14.89 -11.05
N ILE A 132 21.97 14.28 -10.11
CA ILE A 132 20.58 13.92 -10.38
C ILE A 132 19.69 15.13 -10.16
N PRO A 133 18.90 15.51 -11.19
CA PRO A 133 18.06 16.71 -11.06
C PRO A 133 17.05 16.54 -9.92
N LEU A 134 16.90 17.57 -9.11
CA LEU A 134 15.90 17.59 -8.06
C LEU A 134 14.51 17.62 -8.69
N TYR A 135 14.33 18.54 -9.64
CA TYR A 135 13.07 18.70 -10.37
C TYR A 135 13.05 17.86 -11.64
N VAL A 136 11.97 17.11 -11.84
CA VAL A 136 11.79 16.36 -13.08
C VAL A 136 11.10 17.26 -14.09
N ARG A 137 11.85 17.74 -15.07
CA ARG A 137 11.34 18.71 -16.02
C ARG A 137 11.22 18.10 -17.40
N ASP A 138 10.01 18.05 -17.94
CA ASP A 138 9.86 17.63 -19.33
C ASP A 138 10.42 18.70 -20.26
N LEU A 139 11.14 18.27 -21.29
CA LEU A 139 11.63 19.20 -22.31
C LEU A 139 10.47 19.98 -22.92
N VAL A 140 9.43 19.26 -23.31
CA VAL A 140 8.20 19.89 -23.74
C VAL A 140 7.16 19.58 -22.66
N ARG A 141 6.75 20.60 -21.92
CA ARG A 141 5.80 20.38 -20.84
C ARG A 141 4.37 20.33 -21.38
N THR A 142 3.76 19.15 -21.36
CA THR A 142 2.45 18.95 -21.98
C THR A 142 1.32 19.12 -20.96
N LYS A 143 1.61 18.87 -19.69
CA LYS A 143 0.60 19.15 -18.69
C LYS A 143 0.24 20.63 -18.78
N PRO A 144 -1.05 20.95 -18.60
CA PRO A 144 -1.50 22.32 -18.84
C PRO A 144 -0.78 23.31 -17.93
N GLU A 145 -0.54 24.51 -18.44
CA GLU A 145 0.27 25.50 -17.76
C GLU A 145 -0.30 25.94 -16.41
N ALA A 146 -1.59 25.67 -16.19
CA ALA A 146 -2.25 26.00 -14.93
C ALA A 146 -1.80 25.10 -13.79
N THR A 147 -2.02 23.79 -13.96
CA THR A 147 -1.59 22.83 -12.94
C THR A 147 -0.07 22.96 -12.68
N PRO A 148 0.30 23.24 -11.41
CA PRO A 148 1.72 23.45 -11.08
C PRO A 148 2.48 22.13 -10.95
N MET A 149 3.81 22.21 -11.02
CA MET A 149 4.63 21.02 -11.10
C MET A 149 4.79 20.43 -9.72
N ASN A 150 4.83 19.10 -9.63
CA ASN A 150 5.14 18.41 -8.39
C ASN A 150 5.72 17.07 -8.75
N ARG A 151 6.94 17.08 -9.26
CA ARG A 151 7.57 15.86 -9.70
C ARG A 151 9.05 15.98 -9.33
N TYR A 152 9.43 15.27 -8.28
CA TYR A 152 10.76 15.34 -7.70
C TYR A 152 11.49 14.02 -7.81
N ASN A 153 12.79 14.05 -7.99
CA ASN A 153 13.55 12.81 -7.90
C ASN A 153 13.87 12.46 -6.46
N PHE A 154 13.59 11.21 -6.12
CA PHE A 154 13.80 10.68 -4.79
C PHE A 154 14.87 9.61 -4.88
N ILE A 155 15.91 9.75 -4.09
CA ILE A 155 16.93 8.71 -4.03
C ILE A 155 16.66 7.82 -2.84
N CYS A 156 16.32 6.57 -3.09
CA CYS A 156 16.09 5.64 -2.00
C CYS A 156 17.40 5.11 -1.42
N GLU A 157 17.64 5.41 -0.16
CA GLU A 157 18.79 4.90 0.59
C GLU A 157 18.38 3.65 1.37
N ILE A 158 17.18 3.68 1.96
CA ILE A 158 16.72 2.58 2.80
C ILE A 158 15.35 2.06 2.40
N PRO A 159 15.34 0.90 1.75
CA PRO A 159 14.07 0.38 1.26
C PRO A 159 13.09 0.03 2.36
N LYS A 160 11.82 0.10 1.99
CA LYS A 160 10.71 -0.36 2.79
C LYS A 160 11.03 -1.72 3.43
N TRP A 161 10.77 -1.83 4.74
CA TRP A 161 10.90 -3.09 5.49
C TRP A 161 12.34 -3.53 5.74
N THR A 162 13.30 -2.61 5.65
CA THR A 162 14.68 -2.97 5.94
C THR A 162 15.24 -2.06 7.02
N ARG A 163 16.45 -2.35 7.49
CA ARG A 163 17.02 -1.55 8.56
C ARG A 163 18.54 -1.27 8.45
N ALA A 164 19.17 -1.70 7.36
CA ALA A 164 20.56 -1.28 7.08
C ALA A 164 20.54 0.20 6.73
N LYS A 165 21.25 1.01 7.51
CA LYS A 165 21.18 2.46 7.35
C LYS A 165 22.16 2.98 6.30
N PHE A 166 21.80 2.81 5.03
CA PHE A 166 22.57 3.36 3.95
C PHE A 166 22.33 4.88 3.87
N GLU A 167 23.32 5.59 3.35
CA GLU A 167 23.35 7.04 3.28
C GLU A 167 24.20 7.46 2.07
N ILE A 168 23.83 8.54 1.42
CA ILE A 168 24.72 9.19 0.49
C ILE A 168 25.95 9.65 1.27
N ALA A 169 27.15 9.24 0.84
CA ALA A 169 28.36 9.63 1.53
C ALA A 169 28.76 11.05 1.11
N THR A 170 28.33 12.03 1.90
CA THR A 170 28.55 13.43 1.58
C THR A 170 30.01 13.79 1.65
N GLY A 171 30.81 12.93 2.27
CA GLY A 171 32.21 13.23 2.49
C GLY A 171 33.14 12.68 1.44
N GLU A 172 32.61 11.84 0.54
CA GLU A 172 33.45 11.20 -0.47
C GLU A 172 33.18 11.72 -1.86
N SER A 173 34.22 11.75 -2.68
CA SER A 173 34.10 12.15 -4.08
C SER A 173 33.05 11.33 -4.81
N PHE A 174 32.18 12.02 -5.54
CA PHE A 174 31.11 11.41 -6.33
C PHE A 174 29.98 10.89 -5.41
N ASN A 175 30.15 11.07 -4.09
CA ASN A 175 29.12 10.83 -3.10
C ASN A 175 28.38 9.52 -3.28
N PRO A 176 29.12 8.42 -3.37
CA PRO A 176 28.47 7.12 -3.48
C PRO A 176 27.61 6.84 -2.24
N ILE A 177 26.68 5.90 -2.38
CA ILE A 177 25.95 5.47 -1.20
C ILE A 177 26.77 4.45 -0.43
N LYS A 178 26.81 4.64 0.88
CA LYS A 178 27.48 3.70 1.76
C LYS A 178 26.62 3.41 2.99
N GLN A 179 27.03 2.42 3.76
CA GLN A 179 26.35 2.18 5.03
C GLN A 179 26.99 3.07 6.09
N ASP A 180 26.14 3.80 6.81
CA ASP A 180 26.59 4.61 7.92
C ASP A 180 27.29 3.72 8.96
N ILE A 181 28.24 4.30 9.68
CA ILE A 181 29.00 3.61 10.71
C ILE A 181 28.61 4.11 12.10
N LYS A 182 28.18 3.20 12.97
CA LYS A 182 27.84 3.61 14.33
C LYS A 182 28.49 2.67 15.32
N ASN A 183 29.22 3.24 16.28
CA ASN A 183 29.96 2.44 17.27
C ASN A 183 30.96 1.51 16.60
N GLY A 184 31.58 1.98 15.52
CA GLY A 184 32.62 1.22 14.87
C GLY A 184 32.17 0.15 13.89
N VAL A 185 30.90 -0.24 13.95
CA VAL A 185 30.36 -1.25 13.03
C VAL A 185 29.35 -0.64 12.04
N PRO A 186 29.12 -1.30 10.90
CA PRO A 186 28.05 -0.85 9.98
C PRO A 186 26.70 -0.74 10.71
N ARG A 187 26.01 0.38 10.54
CA ARG A 187 24.83 0.70 11.35
C ARG A 187 23.53 0.04 10.86
N PHE A 188 22.85 -0.63 11.79
CA PHE A 188 21.48 -1.11 11.55
C PHE A 188 20.58 -0.45 12.58
N TYR A 189 19.37 -0.07 12.17
CA TYR A 189 18.41 0.45 13.12
C TYR A 189 18.17 -0.57 14.22
N LYS A 190 18.28 -0.14 15.47
CA LYS A 190 18.00 -1.03 16.59
C LYS A 190 16.51 -1.04 16.89
N HIS A 191 15.86 0.10 16.68
CA HIS A 191 14.45 0.28 17.03
C HIS A 191 13.52 -0.65 16.29
N GLY A 192 13.84 -0.91 15.02
CA GLY A 192 13.03 -1.75 14.16
C GLY A 192 13.31 -1.43 12.71
N ASP A 193 12.52 -2.00 11.81
CA ASP A 193 12.66 -1.69 10.40
C ASP A 193 12.04 -0.33 10.05
N MET A 194 12.63 0.29 9.04
CA MET A 194 12.05 1.44 8.37
C MET A 194 10.89 0.89 7.57
N MET A 195 9.70 1.47 7.74
CA MET A 195 8.49 0.86 7.25
C MET A 195 7.96 1.55 6.01
N TRP A 196 8.76 2.49 5.51
CA TRP A 196 8.51 3.15 4.24
C TRP A 196 9.85 3.32 3.54
N ASN A 197 9.84 3.55 2.24
CA ASN A 197 11.06 3.85 1.52
C ASN A 197 11.61 5.15 2.06
N TYR A 198 12.86 5.11 2.51
CA TYR A 198 13.51 6.26 3.09
C TYR A 198 14.73 6.66 2.28
N GLY A 199 14.97 7.96 2.15
CA GLY A 199 16.10 8.43 1.38
C GLY A 199 16.26 9.94 1.40
N ALA A 200 16.60 10.52 0.26
CA ALA A 200 16.91 11.93 0.22
C ALA A 200 16.59 12.55 -1.13
N PHE A 201 16.49 13.87 -1.15
CA PHE A 201 16.35 14.62 -2.38
C PHE A 201 17.72 15.10 -2.84
N PRO A 202 18.07 14.82 -4.09
CA PRO A 202 19.33 15.35 -4.62
C PRO A 202 19.31 16.87 -4.71
N GLN A 203 20.47 17.51 -4.74
CA GLN A 203 20.59 18.96 -4.95
C GLN A 203 19.88 19.75 -3.86
N THR A 204 19.89 19.20 -2.65
CA THR A 204 19.45 19.92 -1.45
C THR A 204 20.49 19.77 -0.36
N TRP A 205 20.45 20.65 0.61
CA TRP A 205 21.36 20.60 1.73
C TRP A 205 20.77 21.31 2.95
N GLU A 206 20.73 20.61 4.08
CA GLU A 206 20.31 21.24 5.33
C GLU A 206 21.48 22.05 5.88
N SER A 207 21.56 23.29 5.43
CA SER A 207 22.71 24.16 5.68
C SER A 207 23.06 24.34 7.15
N THR A 208 24.35 24.21 7.45
CA THR A 208 24.87 24.46 8.78
C THR A 208 25.05 25.96 9.03
N GLU A 209 24.76 26.79 8.03
CA GLU A 209 24.93 28.22 8.17
C GLU A 209 23.59 28.93 8.30
N VAL A 210 22.50 28.18 8.20
CA VAL A 210 21.17 28.79 8.24
C VAL A 210 20.47 28.53 9.56
N LEU A 211 19.97 29.60 10.17
CA LEU A 211 19.20 29.49 11.39
C LEU A 211 17.73 29.34 11.03
N PHE A 212 17.24 28.11 11.10
CA PHE A 212 15.85 27.83 10.79
C PHE A 212 14.94 28.45 11.87
N GLU A 213 13.68 28.64 11.52
CA GLU A 213 12.70 29.25 12.42
C GLU A 213 12.74 28.63 13.82
N ALA A 214 13.07 27.35 13.88
CA ALA A 214 13.10 26.62 15.14
C ALA A 214 14.27 27.01 16.07
N GLY A 215 15.18 27.86 15.63
CA GLY A 215 16.31 28.24 16.45
C GLY A 215 17.50 27.29 16.36
N VAL A 216 17.58 26.51 15.28
CA VAL A 216 18.72 25.62 15.06
C VAL A 216 19.17 25.66 13.60
N THR A 217 20.38 25.17 13.34
CA THR A 217 20.86 25.04 11.97
C THR A 217 20.53 23.62 11.49
N GLY A 218 20.88 23.30 10.24
CA GLY A 218 20.52 22.03 9.64
C GLY A 218 21.45 20.89 9.98
N ASP A 219 21.06 19.67 9.63
CA ASP A 219 21.85 18.50 10.03
C ASP A 219 22.95 18.17 9.03
N ASN A 220 23.24 19.11 8.13
CA ASN A 220 24.38 19.02 7.22
C ASN A 220 24.27 17.92 6.15
N ASP A 221 23.04 17.51 5.84
CA ASP A 221 22.76 16.41 4.92
C ASP A 221 21.74 16.84 3.88
N PRO A 222 21.63 16.09 2.78
CA PRO A 222 20.50 16.34 1.88
C PRO A 222 19.17 16.23 2.64
N VAL A 223 18.14 16.91 2.16
CA VAL A 223 16.80 16.82 2.75
C VAL A 223 16.26 15.39 2.71
N ASP A 224 15.71 14.96 3.84
CA ASP A 224 15.24 13.58 4.00
C ASP A 224 13.81 13.42 3.51
N ALA A 225 13.53 12.27 2.90
CA ALA A 225 12.20 12.00 2.37
C ALA A 225 11.69 10.62 2.80
N VAL A 226 10.39 10.55 3.10
CA VAL A 226 9.74 9.28 3.37
C VAL A 226 8.73 9.02 2.27
N GLU A 227 8.92 7.97 1.50
CA GLU A 227 7.99 7.66 0.43
C GLU A 227 6.99 6.59 0.88
N ILE A 228 5.70 6.91 0.87
CA ILE A 228 4.71 6.10 1.59
C ILE A 228 3.93 5.13 0.70
N GLY A 229 4.35 4.99 -0.55
CA GLY A 229 3.68 4.09 -1.46
C GLY A 229 3.81 2.64 -1.02
N MET A 230 3.16 1.74 -1.76
CA MET A 230 3.10 0.34 -1.35
C MET A 230 4.26 -0.48 -1.88
N THR A 231 5.02 0.07 -2.84
CA THR A 231 6.10 -0.67 -3.51
C THR A 231 7.44 -0.47 -2.80
N GLN A 232 8.14 -1.56 -2.52
CA GLN A 232 9.48 -1.51 -1.97
C GLN A 232 10.49 -1.17 -3.06
N PHE A 233 11.36 -0.21 -2.82
CA PHE A 233 12.40 0.17 -3.79
C PHE A 233 13.70 -0.57 -3.50
N LYS A 234 14.60 -0.58 -4.49
CA LYS A 234 15.95 -1.07 -4.30
C LYS A 234 16.83 0.01 -3.66
N VAL A 235 17.90 -0.40 -3.00
CA VAL A 235 18.88 0.56 -2.47
C VAL A 235 19.48 1.35 -3.62
N GLY A 236 19.42 2.68 -3.51
CA GLY A 236 19.99 3.53 -4.55
C GLY A 236 19.05 3.83 -5.70
N GLN A 237 17.90 3.14 -5.73
CA GLN A 237 16.91 3.36 -6.79
C GLN A 237 16.38 4.80 -6.76
N VAL A 238 16.24 5.40 -7.93
CA VAL A 238 15.77 6.79 -8.04
C VAL A 238 14.43 6.79 -8.77
N SER A 239 13.44 7.47 -8.23
CA SER A 239 12.16 7.48 -8.92
C SER A 239 11.38 8.75 -8.65
N ALA A 240 10.45 9.04 -9.54
CA ALA A 240 9.72 10.30 -9.50
C ALA A 240 8.66 10.24 -8.42
N VAL A 241 8.63 11.27 -7.57
CA VAL A 241 7.65 11.30 -6.49
C VAL A 241 6.93 12.63 -6.45
N LYS A 242 5.79 12.60 -5.77
CA LYS A 242 4.95 13.76 -5.52
C LYS A 242 5.03 14.12 -4.05
N VAL A 243 5.37 15.36 -3.76
CA VAL A 243 5.49 15.84 -2.39
C VAL A 243 4.13 16.17 -1.78
N LEU A 244 3.85 15.68 -0.57
CA LEU A 244 2.56 15.87 0.07
C LEU A 244 2.64 16.78 1.29
N GLY A 245 3.76 16.75 2.01
CA GLY A 245 3.86 17.52 3.23
C GLY A 245 5.19 17.30 3.90
N VAL A 246 5.39 17.89 5.06
CA VAL A 246 6.69 17.75 5.72
C VAL A 246 6.59 17.84 7.23
N LEU A 247 7.42 17.06 7.90
CA LEU A 247 7.49 17.03 9.36
C LEU A 247 8.73 17.75 9.86
N GLY A 248 8.54 18.70 10.78
CA GLY A 248 9.63 19.51 11.28
C GLY A 248 10.46 18.86 12.37
N MET A 249 11.05 17.72 12.07
CA MET A 249 11.90 17.03 13.03
C MET A 249 13.16 17.81 13.36
N ILE A 250 13.42 17.99 14.66
CA ILE A 250 14.69 18.51 15.16
C ILE A 250 15.48 17.35 15.77
N ASP A 251 16.59 16.98 15.15
CA ASP A 251 17.33 15.78 15.51
C ASP A 251 18.70 16.14 16.12
N GLU A 252 18.89 15.85 17.40
CA GLU A 252 20.16 16.18 18.07
C GLU A 252 20.54 17.65 17.89
N GLY A 253 19.55 18.54 17.98
CA GLY A 253 19.82 19.96 17.89
C GLY A 253 19.94 20.53 16.47
N LYS A 254 19.69 19.71 15.44
CA LYS A 254 19.79 20.19 14.07
C LYS A 254 18.43 20.08 13.36
N MET A 255 18.12 21.02 12.47
CA MET A 255 16.91 20.95 11.66
C MET A 255 17.00 19.73 10.73
N ASP A 256 15.96 18.92 10.72
CA ASP A 256 16.02 17.65 10.03
C ASP A 256 14.66 17.30 9.45
N TRP A 257 14.15 18.20 8.61
CA TRP A 257 12.87 18.05 7.94
C TRP A 257 12.70 16.66 7.39
N LYS A 258 11.50 16.11 7.53
CA LYS A 258 11.16 14.83 6.95
C LYS A 258 10.00 15.02 5.99
N VAL A 259 10.31 15.03 4.70
CA VAL A 259 9.28 15.25 3.69
C VAL A 259 8.49 13.97 3.44
N VAL A 260 7.17 14.09 3.46
CA VAL A 260 6.29 12.98 3.14
C VAL A 260 5.97 13.07 1.67
N CYS A 261 6.20 11.99 0.95
CA CYS A 261 5.96 12.01 -0.50
C CYS A 261 5.44 10.66 -0.95
N ILE A 262 4.95 10.60 -2.18
CA ILE A 262 4.51 9.33 -2.71
C ILE A 262 4.88 9.16 -4.18
N SER A 263 5.31 7.97 -4.52
CA SER A 263 5.69 7.63 -5.88
C SER A 263 4.61 7.93 -6.90
N HIS A 264 4.99 8.56 -8.00
CA HIS A 264 4.06 8.83 -9.08
C HIS A 264 3.60 7.54 -9.74
N ASN A 265 4.19 6.41 -9.37
CA ASN A 265 3.80 5.10 -9.88
C ASN A 265 2.85 4.31 -8.98
N ASP A 266 2.58 4.83 -7.79
CA ASP A 266 1.65 4.17 -6.89
C ASP A 266 0.22 4.34 -7.41
N PRO A 267 -0.59 3.28 -7.23
CA PRO A 267 -2.01 3.23 -7.66
C PRO A 267 -2.87 4.32 -7.03
N ILE A 268 -2.50 4.83 -5.87
CA ILE A 268 -3.31 5.88 -5.24
C ILE A 268 -2.70 7.26 -5.28
N CYS A 269 -1.70 7.47 -6.14
CA CYS A 269 -1.05 8.79 -6.26
C CYS A 269 -2.03 9.87 -6.69
N ARG A 270 -2.87 9.56 -7.68
CA ARG A 270 -3.91 10.46 -8.17
C ARG A 270 -4.78 11.03 -7.05
N PHE A 271 -5.05 10.21 -6.04
CA PHE A 271 -6.03 10.58 -5.03
C PHE A 271 -5.43 11.32 -3.84
N MET A 272 -4.11 11.27 -3.73
CA MET A 272 -3.42 11.94 -2.64
C MET A 272 -2.96 13.30 -3.12
N LYS A 273 -3.66 14.35 -2.70
CA LYS A 273 -3.40 15.66 -3.29
C LYS A 273 -2.75 16.62 -2.32
N ASP A 274 -2.88 16.37 -1.02
CA ASP A 274 -2.17 17.17 -0.03
C ASP A 274 -2.04 16.34 1.22
N ILE A 275 -1.41 16.89 2.25
CA ILE A 275 -1.04 16.10 3.41
C ILE A 275 -2.30 15.53 4.11
N HIS A 276 -3.40 16.25 3.97
CA HIS A 276 -4.65 15.89 4.62
C HIS A 276 -5.25 14.62 4.04
N ASP A 277 -4.89 14.27 2.82
CA ASP A 277 -5.41 13.07 2.20
C ASP A 277 -4.77 11.81 2.75
N VAL A 278 -3.66 11.96 3.47
CA VAL A 278 -2.95 10.78 3.94
C VAL A 278 -3.70 10.08 5.08
N PRO A 279 -4.23 10.86 6.05
CA PRO A 279 -5.06 10.21 7.08
C PRO A 279 -6.35 9.62 6.50
N LYS A 280 -6.88 10.22 5.43
CA LYS A 280 -8.10 9.74 4.79
C LYS A 280 -7.92 8.37 4.13
N PHE A 281 -6.77 8.15 3.53
CA PHE A 281 -6.58 6.96 2.71
C PHE A 281 -5.51 6.04 3.29
N LEU A 282 -4.66 6.59 4.15
CA LEU A 282 -3.67 5.79 4.86
C LEU A 282 -3.69 6.13 6.34
N PRO A 283 -4.84 5.92 7.00
CA PRO A 283 -4.99 6.23 8.43
C PRO A 283 -3.86 5.62 9.26
N GLY A 284 -3.35 6.38 10.23
CA GLY A 284 -2.27 5.89 11.06
C GLY A 284 -0.87 6.06 10.48
N CYS A 285 -0.77 6.35 9.18
CA CYS A 285 0.53 6.47 8.51
C CYS A 285 1.37 7.64 9.05
N LEU A 286 0.77 8.83 9.06
CA LEU A 286 1.44 10.00 9.61
C LEU A 286 1.82 9.81 11.09
N ASP A 287 0.88 9.32 11.91
CA ASP A 287 1.15 9.10 13.34
C ASP A 287 2.34 8.16 13.57
N ALA A 288 2.38 7.07 12.79
CA ALA A 288 3.44 6.09 12.91
C ALA A 288 4.78 6.67 12.48
N ILE A 289 4.79 7.44 11.38
CA ILE A 289 6.01 8.11 10.93
C ILE A 289 6.55 9.05 11.99
N ARG A 290 5.69 9.92 12.52
CA ARG A 290 6.10 10.87 13.56
C ARG A 290 6.65 10.13 14.77
N GLU A 291 5.97 9.06 15.18
CA GLU A 291 6.36 8.32 16.36
C GLU A 291 7.66 7.54 16.17
N TRP A 292 7.80 6.87 15.04
CA TRP A 292 9.02 6.16 14.72
C TRP A 292 10.24 7.13 14.79
N PHE A 293 10.14 8.29 14.16
CA PHE A 293 11.25 9.24 14.18
C PHE A 293 11.41 9.90 15.52
N ARG A 294 10.32 9.95 16.31
CA ARG A 294 10.40 10.54 17.63
C ARG A 294 11.28 9.68 18.54
N VAL A 295 11.10 8.36 18.49
CA VAL A 295 11.70 7.49 19.49
C VAL A 295 12.85 6.60 19.03
N TYR A 296 13.12 6.53 17.73
CA TYR A 296 13.97 5.44 17.23
C TYR A 296 15.39 5.43 17.78
N LYS A 297 15.92 6.57 18.19
CA LYS A 297 17.30 6.60 18.68
C LYS A 297 17.41 6.38 20.19
N ILE A 298 16.28 6.37 20.89
CA ILE A 298 16.29 6.24 22.34
C ILE A 298 16.89 4.91 22.78
N CYS A 299 16.53 3.84 22.07
CA CYS A 299 17.09 2.52 22.37
C CYS A 299 18.58 2.45 22.06
N GLN A 300 19.11 3.50 21.43
CA GLN A 300 20.53 3.57 21.05
C GLN A 300 21.33 4.49 21.95
N GLY A 301 20.66 5.06 22.95
CA GLY A 301 21.33 5.99 23.85
C GLY A 301 21.06 7.45 23.54
N GLY A 302 20.31 7.71 22.50
CA GLY A 302 19.98 9.08 22.13
C GLY A 302 18.76 9.53 22.92
N GLU A 303 18.21 10.67 22.54
CA GLU A 303 17.05 11.23 23.21
C GLU A 303 15.85 11.29 22.24
N ALA A 304 14.66 11.44 22.78
CA ALA A 304 13.50 11.65 21.91
C ALA A 304 13.73 12.88 21.01
N SER A 305 13.27 12.80 19.77
CA SER A 305 13.38 13.93 18.85
C SER A 305 12.37 15.00 19.21
N HIS A 306 12.68 16.26 18.92
CA HIS A 306 11.71 17.34 19.08
C HIS A 306 11.09 17.61 17.70
N PHE A 307 9.96 18.33 17.67
CA PHE A 307 9.36 18.72 16.41
C PHE A 307 8.90 20.17 16.47
N ALA A 308 9.14 20.93 15.41
CA ALA A 308 8.54 22.25 15.28
C ALA A 308 7.03 22.12 15.10
N PHE A 309 6.30 23.22 15.33
CA PHE A 309 4.87 23.24 15.09
C PHE A 309 4.13 22.15 15.87
N ASP A 310 4.68 21.76 17.01
CA ASP A 310 4.08 20.76 17.87
C ASP A 310 3.80 19.45 17.14
N GLY A 311 4.63 19.11 16.17
CA GLY A 311 4.52 17.84 15.46
C GLY A 311 3.56 17.90 14.28
N GLU A 312 3.03 19.07 13.97
CA GLU A 312 2.14 19.16 12.82
C GLU A 312 2.87 18.84 11.51
N PHE A 313 2.26 18.01 10.68
CA PHE A 313 2.74 17.83 9.30
C PHE A 313 2.25 19.01 8.51
N LYS A 314 3.17 19.84 8.01
CA LYS A 314 2.78 20.98 7.19
C LYS A 314 2.35 20.49 5.82
N ASP A 315 1.61 21.30 5.09
CA ASP A 315 1.08 20.86 3.81
C ASP A 315 2.13 20.92 2.69
N LYS A 316 1.72 20.54 1.48
CA LYS A 316 2.65 20.41 0.37
C LYS A 316 3.22 21.74 -0.10
N GLU A 317 2.43 22.81 -0.04
CA GLU A 317 2.91 24.12 -0.43
C GLU A 317 4.10 24.49 0.46
N TYR A 318 3.98 24.19 1.74
CA TYR A 318 5.04 24.47 2.72
C TYR A 318 6.25 23.57 2.48
N ALA A 319 6.01 22.31 2.18
CA ALA A 319 7.09 21.35 1.96
C ALA A 319 7.90 21.71 0.72
N MET A 320 7.21 22.20 -0.31
CA MET A 320 7.89 22.58 -1.52
C MET A 320 8.71 23.87 -1.30
N LYS A 321 8.27 24.74 -0.38
CA LYS A 321 9.09 25.90 -0.03
C LYS A 321 10.36 25.44 0.67
N VAL A 322 10.21 24.53 1.62
CA VAL A 322 11.36 23.98 2.33
C VAL A 322 12.35 23.35 1.35
N ILE A 323 11.84 22.60 0.39
CA ILE A 323 12.69 21.97 -0.61
C ILE A 323 13.36 23.01 -1.53
N ASP A 324 12.60 24.01 -1.97
CA ASP A 324 13.12 25.09 -2.80
C ASP A 324 14.28 25.81 -2.13
N GLU A 325 14.08 26.15 -0.86
CA GLU A 325 15.08 26.85 -0.09
C GLU A 325 16.33 25.99 0.15
N SER A 326 16.16 24.69 0.35
CA SER A 326 17.36 23.85 0.50
C SER A 326 18.08 23.64 -0.84
N HIS A 327 17.37 23.88 -1.94
CA HIS A 327 17.96 23.85 -3.27
C HIS A 327 18.88 25.05 -3.43
N ASN A 328 18.40 26.20 -2.96
CA ASN A 328 19.20 27.42 -2.94
C ASN A 328 20.46 27.24 -2.11
N MET A 329 20.30 26.65 -0.93
CA MET A 329 21.41 26.39 -0.03
C MET A 329 22.41 25.45 -0.71
N TRP A 330 21.89 24.46 -1.43
CA TRP A 330 22.73 23.53 -2.18
C TRP A 330 23.46 24.29 -3.31
N HIS A 331 22.79 25.23 -3.96
CA HIS A 331 23.42 26.05 -4.99
C HIS A 331 24.58 26.82 -4.38
N ASN A 332 24.36 27.37 -3.18
CA ASN A 332 25.41 28.13 -2.51
C ASN A 332 26.57 27.24 -2.12
N LEU A 333 26.26 26.01 -1.72
CA LEU A 333 27.30 25.08 -1.30
C LEU A 333 28.19 24.68 -2.48
N LEU A 334 27.55 24.20 -3.56
CA LEU A 334 28.28 23.61 -4.68
C LEU A 334 28.77 24.64 -5.69
N LYS A 335 27.85 25.46 -6.19
CA LYS A 335 28.18 26.42 -7.25
C LYS A 335 29.03 27.57 -6.72
N VAL A 336 28.57 28.23 -5.67
CA VAL A 336 29.27 29.37 -5.11
C VAL A 336 30.51 29.01 -4.30
N ASN A 337 30.40 28.05 -3.39
CA ASN A 337 31.55 27.76 -2.54
C ASN A 337 32.32 26.53 -3.01
N LYS A 338 31.89 25.94 -4.12
CA LYS A 338 32.63 24.86 -4.76
C LYS A 338 32.86 23.65 -3.84
N ARG A 339 31.91 23.37 -2.95
CA ARG A 339 32.05 22.21 -2.08
C ARG A 339 31.24 21.02 -2.60
N GLY A 340 31.93 20.04 -3.18
CA GLY A 340 31.27 18.82 -3.63
C GLY A 340 31.34 17.73 -2.58
N GLU A 341 32.26 17.88 -1.63
CA GLU A 341 32.36 16.95 -0.52
C GLU A 341 32.33 17.71 0.78
N LEU A 342 31.65 17.13 1.76
CA LEU A 342 31.60 17.71 3.09
C LEU A 342 32.70 17.08 3.93
N THR B 1 -46.10 -8.42 20.60
CA THR B 1 -45.71 -7.10 21.09
C THR B 1 -44.21 -6.90 21.32
N GLN B 2 -43.37 -7.82 20.86
CA GLN B 2 -41.91 -7.68 21.06
C GLN B 2 -41.40 -6.56 20.18
N PRO B 3 -40.23 -6.02 20.54
CA PRO B 3 -39.59 -5.04 19.66
C PRO B 3 -39.37 -5.64 18.27
N MET B 4 -39.26 -6.98 18.22
CA MET B 4 -39.15 -7.67 16.94
C MET B 4 -40.43 -7.56 16.13
N ILE B 5 -41.56 -7.67 16.82
CA ILE B 5 -42.85 -7.55 16.18
C ILE B 5 -43.09 -6.11 15.76
N LYS B 6 -42.62 -5.17 16.57
CA LYS B 6 -42.76 -3.76 16.27
C LYS B 6 -42.05 -3.37 14.97
N LYS B 7 -40.88 -3.96 14.73
CA LYS B 7 -40.14 -3.65 13.51
C LYS B 7 -40.83 -4.25 12.29
N ILE B 8 -41.38 -5.45 12.44
CA ILE B 8 -42.21 -6.06 11.41
C ILE B 8 -43.36 -5.14 11.03
N MET B 9 -44.02 -4.58 12.04
CA MET B 9 -45.18 -3.72 11.82
C MET B 9 -44.78 -2.36 11.25
N SER B 10 -43.57 -1.93 11.57
CA SER B 10 -43.01 -0.69 11.03
C SER B 10 -42.79 -0.82 9.52
N ARG B 11 -42.29 -1.97 9.09
CA ARG B 11 -42.10 -2.23 7.66
C ARG B 11 -43.44 -2.41 6.97
N LEU B 12 -44.39 -3.03 7.66
CA LEU B 12 -45.74 -3.17 7.14
C LEU B 12 -46.36 -1.79 6.95
N PHE B 13 -46.19 -0.94 7.96
CA PHE B 13 -46.69 0.42 7.95
C PHE B 13 -46.12 1.20 6.76
N SER B 14 -44.82 1.05 6.52
CA SER B 14 -44.18 1.77 5.43
C SER B 14 -44.74 1.37 4.07
N ALA B 15 -45.26 0.15 3.97
CA ALA B 15 -45.81 -0.32 2.71
C ALA B 15 -47.13 0.36 2.38
N PHE B 16 -47.66 1.12 3.34
CA PHE B 16 -48.89 1.89 3.10
C PHE B 16 -48.67 3.39 3.25
N ASP B 17 -47.46 3.78 3.63
CA ASP B 17 -47.04 5.16 3.70
C ASP B 17 -45.70 5.21 2.98
N VAL B 18 -45.73 4.91 1.68
CA VAL B 18 -44.50 4.62 0.93
C VAL B 18 -43.55 5.81 0.82
N THR B 19 -44.10 7.02 0.80
CA THR B 19 -43.29 8.22 0.69
C THR B 19 -42.98 8.82 2.06
N HIS B 20 -43.32 8.11 3.12
CA HIS B 20 -43.03 8.57 4.49
C HIS B 20 -43.67 9.92 4.84
N LEU B 21 -44.96 10.09 4.56
CA LEU B 21 -45.70 11.22 5.10
C LEU B 21 -45.64 11.23 6.62
N GLY B 22 -45.45 10.04 7.19
CA GLY B 22 -45.41 9.86 8.63
C GLY B 22 -46.72 9.38 9.22
N TYR B 23 -47.75 9.28 8.39
CA TYR B 23 -49.05 8.82 8.85
C TYR B 23 -49.84 8.20 7.71
N LEU B 24 -50.96 7.56 8.05
CA LEU B 24 -51.89 6.98 7.09
C LEU B 24 -53.02 7.89 6.67
N THR B 25 -53.13 8.14 5.37
CA THR B 25 -54.29 8.84 4.81
C THR B 25 -55.52 7.94 4.96
N PRO B 26 -56.73 8.50 4.78
CA PRO B 26 -57.92 7.66 4.92
C PRO B 26 -57.92 6.46 3.97
N ASP B 27 -57.62 6.68 2.71
CA ASP B 27 -57.56 5.59 1.73
C ASP B 27 -56.55 4.53 2.14
N LYS B 28 -55.44 4.97 2.72
CA LYS B 28 -54.43 4.02 3.18
C LYS B 28 -54.93 3.25 4.40
N VAL B 29 -55.78 3.87 5.21
CA VAL B 29 -56.35 3.20 6.36
C VAL B 29 -57.28 2.08 5.90
N GLU B 30 -58.12 2.35 4.90
CA GLU B 30 -58.98 1.32 4.34
C GLU B 30 -58.14 0.19 3.73
N GLU B 31 -57.03 0.54 3.07
CA GLU B 31 -56.21 -0.44 2.40
C GLU B 31 -55.48 -1.38 3.37
N VAL B 32 -55.02 -0.85 4.51
CA VAL B 32 -54.34 -1.67 5.51
C VAL B 32 -55.34 -2.62 6.21
N CYS B 33 -56.60 -2.21 6.30
CA CYS B 33 -57.63 -3.06 6.88
C CYS B 33 -58.02 -4.19 5.94
N ARG B 34 -58.18 -3.86 4.68
CA ARG B 34 -58.42 -4.83 3.64
C ARG B 34 -57.23 -5.82 3.55
N TYR B 35 -56.04 -5.36 3.90
CA TYR B 35 -54.87 -6.25 3.86
C TYR B 35 -54.84 -7.13 5.11
N LEU B 36 -54.93 -6.51 6.28
CA LEU B 36 -54.94 -7.23 7.53
C LEU B 36 -56.16 -8.13 7.59
N GLY B 37 -57.24 -7.71 6.95
CA GLY B 37 -58.49 -8.43 7.05
C GLY B 37 -58.71 -9.64 6.18
N ARG B 38 -57.89 -9.86 5.16
CA ARG B 38 -57.99 -11.15 4.49
C ARG B 38 -57.32 -12.17 5.42
N ASN B 39 -57.98 -13.29 5.67
CA ASN B 39 -59.35 -13.49 5.30
C ASN B 39 -60.20 -13.47 6.57
N MET B 40 -60.91 -12.37 6.79
CA MET B 40 -61.74 -12.23 7.97
C MET B 40 -63.13 -11.87 7.50
N SER B 41 -64.05 -11.72 8.45
CA SER B 41 -65.43 -11.41 8.10
C SER B 41 -65.54 -9.90 7.93
N ASP B 42 -66.57 -9.46 7.22
CA ASP B 42 -66.70 -8.03 6.98
C ASP B 42 -66.96 -7.34 8.31
N GLY B 43 -67.58 -8.06 9.23
CA GLY B 43 -67.77 -7.60 10.59
C GLY B 43 -66.46 -7.20 11.23
N ASP B 44 -65.45 -8.06 11.12
CA ASP B 44 -64.17 -7.80 11.77
C ASP B 44 -63.36 -6.74 11.05
N VAL B 45 -63.55 -6.63 9.74
CA VAL B 45 -62.82 -5.65 8.95
C VAL B 45 -63.38 -4.26 9.18
N LYS B 46 -64.70 -4.15 9.14
CA LYS B 46 -65.36 -2.88 9.36
C LYS B 46 -65.08 -2.38 10.80
N ALA B 47 -65.19 -3.28 11.79
CA ALA B 47 -64.85 -2.96 13.17
C ALA B 47 -63.37 -2.58 13.31
N MET B 48 -62.55 -3.10 12.42
CA MET B 48 -61.12 -2.87 12.50
C MET B 48 -60.85 -1.45 11.99
N LYS B 49 -61.40 -1.15 10.83
CA LYS B 49 -61.27 0.16 10.21
C LYS B 49 -61.86 1.21 11.14
N ALA B 50 -62.95 0.84 11.81
CA ALA B 50 -63.60 1.72 12.79
C ALA B 50 -62.70 1.97 13.99
N GLU B 51 -62.02 0.94 14.46
CA GLU B 51 -61.12 1.10 15.59
C GLU B 51 -60.00 2.08 15.26
N ILE B 52 -59.48 2.00 14.03
CA ILE B 52 -58.35 2.83 13.61
C ILE B 52 -58.78 4.25 13.26
N ASN B 53 -59.90 4.38 12.55
CA ASN B 53 -60.50 5.69 12.29
C ASN B 53 -60.86 6.41 13.60
N ALA B 54 -61.22 5.66 14.63
CA ALA B 54 -61.55 6.28 15.91
C ALA B 54 -60.28 6.72 16.64
N ILE B 55 -59.14 6.62 15.99
CA ILE B 55 -57.90 7.12 16.57
C ILE B 55 -57.88 8.65 16.47
N ASP B 56 -57.17 9.26 17.40
CA ASP B 56 -57.19 10.71 17.58
C ASP B 56 -56.04 11.33 16.80
N GLY B 57 -56.35 12.26 15.89
CA GLY B 57 -55.33 12.96 15.14
C GLY B 57 -54.80 12.10 14.02
N HIS B 58 -53.54 12.28 13.68
CA HIS B 58 -52.93 11.53 12.60
C HIS B 58 -52.54 10.14 13.07
N VAL B 59 -52.87 9.14 12.27
CA VAL B 59 -52.45 7.78 12.57
C VAL B 59 -50.98 7.62 12.20
N THR B 60 -50.11 8.04 13.13
CA THR B 60 -48.69 7.81 12.99
C THR B 60 -48.41 6.33 13.22
N PHE B 61 -47.18 5.90 12.95
CA PHE B 61 -46.87 4.51 13.22
C PHE B 61 -46.98 4.24 14.71
N GLU B 62 -46.51 5.19 15.50
CA GLU B 62 -46.44 5.01 16.94
C GLU B 62 -47.83 4.77 17.51
N LYS B 63 -48.84 5.46 16.97
CA LYS B 63 -50.23 5.23 17.38
C LYS B 63 -50.79 3.97 16.73
N PHE B 64 -50.32 3.67 15.52
CA PHE B 64 -50.74 2.44 14.84
C PHE B 64 -50.30 1.25 15.67
N TRP B 65 -49.09 1.34 16.21
CA TRP B 65 -48.53 0.31 17.10
C TRP B 65 -49.39 0.19 18.34
N ALA B 66 -49.76 1.34 18.91
CA ALA B 66 -50.61 1.35 20.08
C ALA B 66 -51.92 0.65 19.79
N TRP B 67 -52.54 0.95 18.66
CA TRP B 67 -53.79 0.28 18.31
C TRP B 67 -53.56 -1.22 18.21
N TRP B 68 -52.49 -1.61 17.54
CA TRP B 68 -52.20 -3.03 17.35
C TRP B 68 -52.05 -3.77 18.68
N CYS B 69 -51.28 -3.19 19.59
CA CYS B 69 -50.99 -3.84 20.86
C CYS B 69 -52.25 -3.95 21.74
N SER B 70 -53.20 -3.05 21.55
CA SER B 70 -54.46 -3.07 22.30
C SER B 70 -55.48 -4.00 21.66
N HIS B 71 -55.23 -4.39 20.42
CA HIS B 71 -56.16 -5.26 19.69
C HIS B 71 -56.14 -6.62 20.39
N PRO B 72 -57.19 -7.44 20.18
CA PRO B 72 -57.26 -8.71 20.91
C PRO B 72 -56.43 -9.84 20.32
N VAL B 73 -55.63 -10.48 21.18
CA VAL B 73 -54.61 -11.44 20.78
C VAL B 73 -55.17 -12.53 19.84
N HIS B 74 -56.49 -12.68 19.79
CA HIS B 74 -57.09 -13.66 18.90
C HIS B 74 -57.08 -13.21 17.45
N SER B 75 -57.72 -12.09 17.17
CA SER B 75 -57.81 -11.59 15.79
C SER B 75 -56.40 -11.36 15.22
N ARG B 76 -55.50 -10.88 16.08
CA ARG B 76 -54.11 -10.69 15.72
C ARG B 76 -53.51 -11.99 15.20
N THR B 77 -53.75 -13.09 15.92
CA THR B 77 -53.08 -14.36 15.62
C THR B 77 -53.34 -14.86 14.21
N LYS B 78 -54.57 -14.71 13.74
CA LYS B 78 -54.94 -15.20 12.42
C LYS B 78 -54.27 -14.41 11.28
N CYS B 79 -54.30 -13.09 11.35
CA CYS B 79 -53.69 -12.31 10.28
C CYS B 79 -52.15 -12.21 10.42
N PHE B 80 -51.64 -12.26 11.65
CA PHE B 80 -50.21 -12.07 11.87
C PHE B 80 -49.33 -13.11 11.20
N SER B 81 -49.88 -14.29 10.96
CA SER B 81 -49.12 -15.32 10.25
C SER B 81 -48.83 -14.82 8.84
N MET B 82 -49.81 -14.12 8.28
CA MET B 82 -49.67 -13.48 6.97
C MET B 82 -48.66 -12.35 7.05
N VAL B 83 -48.84 -11.49 8.04
CA VAL B 83 -47.94 -10.34 8.25
C VAL B 83 -46.49 -10.80 8.38
N SER B 84 -46.29 -11.82 9.21
CA SER B 84 -44.96 -12.32 9.50
C SER B 84 -44.29 -12.88 8.23
N ALA B 85 -45.08 -13.55 7.41
CA ALA B 85 -44.56 -14.12 6.16
C ALA B 85 -44.15 -13.03 5.19
N ASP B 86 -44.92 -11.95 5.14
CA ASP B 86 -44.68 -10.89 4.18
C ASP B 86 -43.61 -9.89 4.64
N PHE B 87 -43.49 -9.68 5.94
CA PHE B 87 -42.68 -8.56 6.43
C PHE B 87 -41.61 -8.91 7.45
N SER B 88 -41.48 -10.18 7.81
CA SER B 88 -40.38 -10.55 8.69
C SER B 88 -39.13 -10.74 7.86
N MET B 89 -37.98 -10.51 8.48
CA MET B 89 -36.72 -10.65 7.76
C MET B 89 -36.36 -12.13 7.61
N PRO B 90 -35.65 -12.46 6.52
CA PRO B 90 -35.14 -13.82 6.29
C PRO B 90 -34.32 -14.33 7.48
N TYR B 91 -33.43 -13.49 7.99
CA TYR B 91 -32.70 -13.79 9.22
C TYR B 91 -32.43 -12.49 9.96
N HIS B 92 -32.13 -12.58 11.24
CA HIS B 92 -31.83 -11.40 12.02
C HIS B 92 -30.36 -11.05 11.85
N GLN B 93 -30.10 -9.87 11.32
CA GLN B 93 -28.73 -9.40 11.19
C GLN B 93 -28.18 -9.09 12.58
N GLN B 94 -26.96 -9.53 12.86
CA GLN B 94 -26.32 -9.24 14.13
C GLN B 94 -25.26 -8.17 13.93
N GLN B 95 -25.34 -7.07 14.67
CA GLN B 95 -24.31 -6.04 14.56
C GLN B 95 -23.19 -6.30 15.55
N LEU B 96 -21.97 -6.43 15.04
CA LEU B 96 -20.82 -6.63 15.92
C LEU B 96 -20.53 -5.31 16.65
N VAL B 97 -20.41 -5.40 17.97
CA VAL B 97 -20.18 -4.24 18.82
C VAL B 97 -18.90 -4.50 19.61
N VAL B 98 -18.00 -3.53 19.63
CA VAL B 98 -16.73 -3.70 20.31
C VAL B 98 -16.57 -2.70 21.45
N HIS B 99 -16.30 -3.20 22.66
CA HIS B 99 -16.05 -2.32 23.81
C HIS B 99 -14.70 -2.55 24.47
N GLU B 100 -14.04 -1.46 24.85
CA GLU B 100 -12.80 -1.55 25.58
C GLU B 100 -13.07 -1.44 27.07
N LYS B 101 -12.29 -2.17 27.87
CA LYS B 101 -12.21 -1.92 29.30
C LYS B 101 -10.75 -1.52 29.55
N GLY B 102 -10.50 -0.22 29.76
CA GLY B 102 -9.14 0.31 29.89
C GLY B 102 -8.44 -0.41 31.03
N GLU B 103 -7.14 -0.16 31.22
CA GLU B 103 -6.41 0.89 30.53
C GLU B 103 -5.36 0.33 29.57
N MET B 104 -5.32 0.86 28.36
CA MET B 104 -4.49 0.30 27.29
C MET B 104 -3.01 0.23 27.67
N TYR B 105 -2.37 -0.87 27.30
CA TYR B 105 -0.95 -1.13 27.57
C TYR B 105 -0.72 -1.56 29.03
N THR B 106 -1.81 -1.78 29.76
CA THR B 106 -1.72 -2.38 31.09
C THR B 106 -2.35 -3.77 31.05
N PRO B 107 -2.11 -4.57 32.09
CA PRO B 107 -2.66 -5.93 32.10
C PRO B 107 -4.18 -5.94 32.21
N SER B 108 -4.79 -4.80 32.54
CA SER B 108 -6.23 -4.76 32.74
C SER B 108 -6.99 -4.56 31.44
N TYR B 109 -6.30 -4.06 30.42
CA TYR B 109 -6.95 -3.78 29.16
C TYR B 109 -7.58 -5.01 28.51
N ARG B 110 -8.83 -4.87 28.07
CA ARG B 110 -9.56 -5.92 27.38
C ARG B 110 -10.39 -5.32 26.25
N VAL B 111 -10.48 -6.03 25.13
CA VAL B 111 -11.42 -5.66 24.09
C VAL B 111 -12.52 -6.73 24.03
N LEU B 112 -13.74 -6.34 24.38
CA LEU B 112 -14.86 -7.27 24.45
C LEU B 112 -15.77 -7.17 23.23
N TYR B 113 -16.37 -8.29 22.86
CA TYR B 113 -17.26 -8.33 21.70
C TYR B 113 -18.70 -8.63 22.07
N PHE B 114 -19.62 -7.97 21.38
CA PHE B 114 -21.04 -8.21 21.61
C PHE B 114 -21.76 -8.38 20.28
N PHE B 115 -22.94 -8.98 20.35
CA PHE B 115 -23.90 -8.99 19.25
C PHE B 115 -25.10 -8.15 19.65
N ARG B 116 -25.50 -7.25 18.76
CA ARG B 116 -26.79 -6.60 18.89
C ARG B 116 -27.70 -7.07 17.77
N ASP B 117 -28.68 -7.87 18.13
CA ASP B 117 -29.69 -8.31 17.19
C ASP B 117 -30.48 -7.09 16.71
N LEU B 118 -30.38 -6.79 15.43
CA LEU B 118 -30.96 -5.55 14.90
C LEU B 118 -32.48 -5.61 14.87
N GLU B 119 -33.06 -6.79 15.02
CA GLU B 119 -34.51 -6.92 15.04
C GLU B 119 -35.05 -6.89 16.47
N THR B 120 -34.44 -7.65 17.37
CA THR B 120 -34.91 -7.68 18.76
C THR B 120 -34.28 -6.58 19.59
N GLY B 121 -33.13 -6.08 19.17
CA GLY B 121 -32.42 -5.06 19.91
C GLY B 121 -31.65 -5.58 21.12
N ARG B 122 -31.77 -6.87 21.43
CA ARG B 122 -31.05 -7.44 22.57
C ARG B 122 -29.54 -7.56 22.29
N GLU B 123 -28.73 -7.12 23.26
CA GLU B 123 -27.28 -7.24 23.20
C GLU B 123 -26.84 -8.42 24.06
N ARG B 124 -25.90 -9.21 23.55
CA ARG B 124 -25.32 -10.29 24.34
C ARG B 124 -23.83 -10.34 24.03
N GLN B 125 -23.01 -10.68 25.01
CA GLN B 125 -21.58 -10.79 24.77
C GLN B 125 -21.29 -12.07 23.99
N VAL B 126 -20.32 -12.03 23.10
CA VAL B 126 -19.91 -13.19 22.31
C VAL B 126 -18.39 -13.33 22.29
N SER B 127 -17.91 -14.41 21.68
CA SER B 127 -16.49 -14.64 21.54
C SER B 127 -16.05 -14.29 20.13
N PRO B 128 -15.04 -13.42 19.99
CA PRO B 128 -14.58 -13.15 18.62
C PRO B 128 -14.05 -14.44 17.98
N TRP B 129 -13.51 -15.34 18.80
CA TRP B 129 -13.01 -16.63 18.36
C TRP B 129 -14.14 -17.57 17.87
N HIS B 130 -15.18 -17.75 18.68
CA HIS B 130 -16.18 -18.74 18.35
C HIS B 130 -17.35 -18.22 17.53
N ASP B 131 -17.73 -16.96 17.74
CA ASP B 131 -19.03 -16.52 17.26
C ASP B 131 -19.01 -15.68 15.99
N ILE B 132 -17.83 -15.19 15.61
CA ILE B 132 -17.63 -14.54 14.33
C ILE B 132 -17.41 -15.60 13.26
N PRO B 133 -18.23 -15.58 12.19
CA PRO B 133 -18.11 -16.61 11.15
C PRO B 133 -16.74 -16.57 10.46
N LEU B 134 -16.13 -17.73 10.26
CA LEU B 134 -14.89 -17.81 9.51
C LEU B 134 -15.16 -17.42 8.07
N TYR B 135 -16.19 -18.02 7.49
CA TYR B 135 -16.59 -17.79 6.12
C TYR B 135 -17.63 -16.69 6.02
N VAL B 136 -17.41 -15.75 5.12
CA VAL B 136 -18.40 -14.73 4.80
C VAL B 136 -19.33 -15.23 3.70
N ARG B 137 -20.53 -15.62 4.08
CA ARG B 137 -21.47 -16.21 3.14
C ARG B 137 -22.65 -15.30 2.89
N ASP B 138 -22.85 -14.89 1.65
CA ASP B 138 -24.05 -14.13 1.30
C ASP B 138 -25.30 -15.02 1.31
N LEU B 139 -26.41 -14.48 1.83
CA LEU B 139 -27.67 -15.20 1.80
C LEU B 139 -28.01 -15.63 0.37
N VAL B 140 -27.96 -14.67 -0.55
CA VAL B 140 -28.08 -14.99 -1.96
C VAL B 140 -26.74 -14.78 -2.62
N ARG B 141 -26.11 -15.87 -3.07
CA ARG B 141 -24.80 -15.74 -3.68
C ARG B 141 -24.94 -15.37 -5.15
N THR B 142 -24.55 -14.13 -5.47
CA THR B 142 -24.74 -13.54 -6.78
C THR B 142 -23.54 -13.71 -7.71
N LYS B 143 -22.35 -13.83 -7.13
CA LYS B 143 -21.19 -14.19 -7.93
C LYS B 143 -21.50 -15.55 -8.54
N PRO B 144 -21.03 -15.79 -9.78
CA PRO B 144 -21.40 -17.00 -10.53
C PRO B 144 -20.96 -18.28 -9.81
N GLU B 145 -21.73 -19.35 -9.96
CA GLU B 145 -21.49 -20.59 -9.22
C GLU B 145 -20.13 -21.21 -9.55
N ALA B 146 -19.54 -20.76 -10.65
CA ALA B 146 -18.22 -21.20 -11.11
C ALA B 146 -17.10 -20.69 -10.18
N THR B 147 -17.06 -19.38 -9.96
CA THR B 147 -16.13 -18.75 -9.04
C THR B 147 -16.19 -19.36 -7.64
N PRO B 148 -15.07 -19.95 -7.18
CA PRO B 148 -15.15 -20.51 -5.82
C PRO B 148 -14.97 -19.37 -4.81
N MET B 149 -15.36 -19.60 -3.56
CA MET B 149 -15.41 -18.53 -2.58
C MET B 149 -14.04 -18.27 -1.99
N ASN B 150 -13.74 -17.00 -1.72
CA ASN B 150 -12.51 -16.67 -1.04
C ASN B 150 -12.76 -15.37 -0.29
N ARG B 151 -13.56 -15.47 0.76
CA ARG B 151 -13.95 -14.32 1.56
C ARG B 151 -14.05 -14.74 3.03
N TYR B 152 -13.02 -14.38 3.78
CA TYR B 152 -12.84 -14.79 5.17
C TYR B 152 -12.86 -13.62 6.12
N ASN B 153 -13.37 -13.83 7.33
CA ASN B 153 -13.27 -12.80 8.33
C ASN B 153 -11.91 -12.87 9.01
N PHE B 154 -11.27 -11.71 9.13
CA PHE B 154 -9.95 -11.58 9.74
C PHE B 154 -10.08 -10.73 11.00
N ILE B 155 -9.63 -11.25 12.13
CA ILE B 155 -9.61 -10.43 13.34
C ILE B 155 -8.23 -9.82 13.55
N CYS B 156 -8.14 -8.50 13.45
CA CYS B 156 -6.87 -7.83 13.67
C CYS B 156 -6.55 -7.68 15.15
N GLU B 157 -5.46 -8.30 15.57
CA GLU B 157 -4.96 -8.16 16.93
C GLU B 157 -3.87 -7.09 16.97
N ILE B 158 -3.01 -7.08 15.95
CA ILE B 158 -1.89 -6.16 15.93
C ILE B 158 -1.88 -5.33 14.63
N PRO B 159 -2.27 -4.07 14.75
CA PRO B 159 -2.38 -3.22 13.56
C PRO B 159 -1.01 -2.97 12.92
N LYS B 160 -1.07 -2.74 11.61
CA LYS B 160 0.06 -2.32 10.82
C LYS B 160 0.84 -1.22 11.56
N TRP B 161 2.16 -1.34 11.62
CA TRP B 161 3.04 -0.32 12.20
C TRP B 161 2.98 -0.21 13.72
N THR B 162 2.50 -1.25 14.42
CA THR B 162 2.50 -1.22 15.87
C THR B 162 3.24 -2.43 16.43
N ARG B 163 3.46 -2.46 17.75
CA ARG B 163 4.21 -3.55 18.34
C ARG B 163 3.69 -4.05 19.71
N ALA B 164 2.57 -3.52 20.16
CA ALA B 164 1.88 -4.09 21.33
C ALA B 164 1.28 -5.42 20.92
N LYS B 165 1.71 -6.49 21.58
CA LYS B 165 1.31 -7.83 21.14
C LYS B 165 -0.05 -8.24 21.71
N PHE B 166 -1.12 -7.71 21.14
CA PHE B 166 -2.46 -8.11 21.54
C PHE B 166 -2.81 -9.50 20.97
N GLU B 167 -3.70 -10.20 21.67
CA GLU B 167 -4.07 -11.58 21.35
C GLU B 167 -5.48 -11.86 21.81
N ILE B 168 -6.20 -12.68 21.03
CA ILE B 168 -7.44 -13.25 21.52
C ILE B 168 -7.11 -14.10 22.75
N ALA B 169 -7.74 -13.81 23.88
CA ALA B 169 -7.47 -14.54 25.11
C ALA B 169 -8.22 -15.86 25.12
N THR B 170 -7.53 -16.92 24.72
CA THR B 170 -8.17 -18.23 24.57
C THR B 170 -8.54 -18.81 25.92
N GLY B 171 -7.98 -18.25 26.98
CA GLY B 171 -8.16 -18.78 28.32
C GLY B 171 -9.29 -18.15 29.11
N GLU B 172 -9.86 -17.08 28.59
CA GLU B 172 -10.91 -16.36 29.31
C GLU B 172 -12.27 -16.48 28.64
N SER B 173 -13.32 -16.53 29.45
CA SER B 173 -14.71 -16.61 28.96
C SER B 173 -15.01 -15.51 27.96
N PHE B 174 -15.58 -15.87 26.82
CA PHE B 174 -15.90 -14.91 25.76
C PHE B 174 -14.64 -14.43 25.02
N ASN B 175 -13.49 -14.94 25.44
CA ASN B 175 -12.22 -14.79 24.72
C ASN B 175 -11.94 -13.38 24.27
N PRO B 176 -11.99 -12.42 25.21
CA PRO B 176 -11.67 -11.05 24.84
C PRO B 176 -10.23 -10.93 24.33
N ILE B 177 -9.91 -9.87 23.60
CA ILE B 177 -8.53 -9.60 23.23
C ILE B 177 -7.82 -8.93 24.40
N LYS B 178 -6.61 -9.40 24.69
CA LYS B 178 -5.77 -8.80 25.72
C LYS B 178 -4.33 -8.65 25.22
N GLN B 179 -3.51 -7.93 25.97
CA GLN B 179 -2.11 -7.88 25.62
C GLN B 179 -1.41 -9.08 26.22
N ASP B 180 -0.67 -9.79 25.40
CA ASP B 180 0.12 -10.91 25.87
C ASP B 180 1.08 -10.43 26.96
N ILE B 181 1.38 -11.30 27.90
CA ILE B 181 2.28 -11.01 29.01
C ILE B 181 3.57 -11.78 28.82
N LYS B 182 4.69 -11.09 28.80
CA LYS B 182 5.98 -11.74 28.68
C LYS B 182 6.94 -11.20 29.73
N ASN B 183 7.55 -12.09 30.51
CA ASN B 183 8.46 -11.67 31.55
C ASN B 183 7.76 -10.75 32.56
N GLY B 184 6.49 -11.00 32.83
CA GLY B 184 5.75 -10.26 33.83
C GLY B 184 5.11 -8.93 33.43
N VAL B 185 5.54 -8.34 32.32
CA VAL B 185 4.94 -7.09 31.85
C VAL B 185 4.18 -7.26 30.53
N PRO B 186 3.28 -6.32 30.22
CA PRO B 186 2.65 -6.36 28.89
C PRO B 186 3.72 -6.41 27.77
N ARG B 187 3.54 -7.35 26.85
CA ARG B 187 4.55 -7.65 25.84
C ARG B 187 4.53 -6.72 24.64
N PHE B 188 5.70 -6.17 24.31
CA PHE B 188 5.90 -5.44 23.08
C PHE B 188 6.98 -6.16 22.28
N TYR B 189 6.83 -6.22 20.96
CA TYR B 189 7.87 -6.79 20.12
C TYR B 189 9.17 -6.02 20.35
N LYS B 190 10.26 -6.72 20.63
CA LYS B 190 11.54 -6.05 20.79
C LYS B 190 12.19 -5.86 19.42
N HIS B 191 11.94 -6.79 18.51
CA HIS B 191 12.56 -6.80 17.19
C HIS B 191 12.23 -5.57 16.33
N GLY B 192 11.01 -5.09 16.45
CA GLY B 192 10.56 -3.95 15.69
C GLY B 192 9.06 -3.95 15.60
N ASP B 193 8.49 -3.06 14.79
CA ASP B 193 7.06 -3.05 14.60
C ASP B 193 6.64 -4.15 13.63
N MET B 194 5.41 -4.63 13.84
CA MET B 194 4.72 -5.47 12.90
C MET B 194 4.32 -4.58 11.73
N MET B 195 4.68 -4.97 10.52
CA MET B 195 4.61 -4.04 9.39
C MET B 195 3.43 -4.33 8.48
N TRP B 196 2.60 -5.26 8.92
CA TRP B 196 1.34 -5.56 8.27
C TRP B 196 0.30 -5.78 9.36
N ASN B 197 -0.98 -5.69 9.02
CA ASN B 197 -2.01 -6.03 9.99
C ASN B 197 -1.87 -7.49 10.31
N TYR B 198 -1.77 -7.78 11.60
CA TYR B 198 -1.60 -9.14 12.08
C TYR B 198 -2.78 -9.52 12.96
N GLY B 199 -3.21 -10.77 12.86
CA GLY B 199 -4.33 -11.25 13.63
C GLY B 199 -4.59 -12.72 13.44
N ALA B 200 -5.87 -13.09 13.41
CA ALA B 200 -6.20 -14.52 13.38
C ALA B 200 -7.53 -14.77 12.70
N PHE B 201 -7.75 -16.02 12.30
CA PHE B 201 -9.04 -16.39 11.75
C PHE B 201 -9.93 -16.97 12.85
N PRO B 202 -11.16 -16.46 12.96
CA PRO B 202 -12.07 -17.03 13.94
C PRO B 202 -12.43 -18.48 13.59
N GLN B 203 -12.88 -19.25 14.58
CA GLN B 203 -13.37 -20.59 14.34
C GLN B 203 -12.29 -21.48 13.70
N THR B 204 -11.04 -21.24 14.10
CA THR B 204 -9.96 -22.14 13.74
C THR B 204 -9.16 -22.44 15.00
N TRP B 205 -8.37 -23.51 14.95
CA TRP B 205 -7.56 -23.87 16.08
C TRP B 205 -6.40 -24.77 15.64
N GLU B 206 -5.19 -24.35 15.98
CA GLU B 206 -4.00 -25.17 15.76
C GLU B 206 -3.92 -26.23 16.85
N SER B 207 -4.57 -27.36 16.60
CA SER B 207 -4.78 -28.42 17.58
C SER B 207 -3.50 -28.96 18.23
N THR B 208 -3.54 -29.11 19.54
CA THR B 208 -2.50 -29.78 20.29
C THR B 208 -2.65 -31.30 20.23
N GLU B 209 -3.71 -31.76 19.58
CA GLU B 209 -3.97 -33.21 19.51
C GLU B 209 -3.63 -33.73 18.12
N VAL B 210 -3.24 -32.84 17.22
CA VAL B 210 -2.94 -33.20 15.84
C VAL B 210 -1.46 -33.21 15.57
N LEU B 211 -1.00 -34.28 14.95
CA LEU B 211 0.38 -34.36 14.52
C LEU B 211 0.49 -33.84 13.10
N PHE B 212 0.92 -32.60 12.96
CA PHE B 212 1.00 -32.03 11.62
C PHE B 212 2.09 -32.71 10.79
N GLU B 213 1.92 -32.61 9.48
CA GLU B 213 2.81 -33.26 8.52
C GLU B 213 4.28 -32.99 8.87
N ALA B 214 4.53 -31.84 9.48
CA ALA B 214 5.89 -31.43 9.84
C ALA B 214 6.46 -32.22 11.02
N GLY B 215 5.63 -33.09 11.63
CA GLY B 215 6.07 -33.91 12.77
C GLY B 215 5.98 -33.23 14.13
N VAL B 216 5.15 -32.20 14.25
CA VAL B 216 4.91 -31.51 15.53
C VAL B 216 3.42 -31.23 15.70
N THR B 217 2.99 -30.89 16.91
CA THR B 217 1.59 -30.50 17.10
C THR B 217 1.43 -28.99 16.99
N GLY B 218 0.20 -28.50 17.13
CA GLY B 218 -0.10 -27.09 16.91
C GLY B 218 0.23 -26.19 18.09
N ASP B 219 0.19 -24.88 17.86
CA ASP B 219 0.56 -23.93 18.91
C ASP B 219 -0.62 -23.56 19.79
N ASN B 220 -1.71 -24.30 19.68
CA ASN B 220 -2.85 -24.18 20.59
C ASN B 220 -3.59 -22.84 20.46
N ASP B 221 -3.45 -22.20 19.31
CA ASP B 221 -4.01 -20.88 19.08
C ASP B 221 -4.83 -20.87 17.79
N PRO B 222 -5.73 -19.88 17.62
CA PRO B 222 -6.33 -19.70 16.30
C PRO B 222 -5.26 -19.53 15.23
N VAL B 223 -5.59 -19.89 13.99
CA VAL B 223 -4.67 -19.72 12.86
C VAL B 223 -4.31 -18.25 12.64
N ASP B 224 -3.01 -18.00 12.43
CA ASP B 224 -2.50 -16.65 12.29
C ASP B 224 -2.59 -16.12 10.87
N ALA B 225 -2.88 -14.84 10.75
CA ALA B 225 -3.02 -14.22 9.44
C ALA B 225 -2.22 -12.92 9.37
N VAL B 226 -1.57 -12.70 8.23
CA VAL B 226 -0.90 -11.44 7.94
C VAL B 226 -1.66 -10.80 6.79
N GLU B 227 -2.25 -9.64 7.03
CA GLU B 227 -2.98 -8.94 5.97
C GLU B 227 -2.10 -7.85 5.37
N ILE B 228 -1.84 -7.93 4.06
CA ILE B 228 -0.76 -7.12 3.47
C ILE B 228 -1.23 -5.86 2.74
N GLY B 229 -2.50 -5.49 2.91
CA GLY B 229 -3.02 -4.29 2.28
C GLY B 229 -2.40 -3.01 2.82
N MET B 230 -2.76 -1.89 2.22
CA MET B 230 -2.10 -0.64 2.55
C MET B 230 -2.72 0.07 3.73
N THR B 231 -3.91 -0.38 4.12
CA THR B 231 -4.69 0.26 5.16
C THR B 231 -4.45 -0.35 6.55
N GLN B 232 -4.15 0.51 7.52
CA GLN B 232 -4.01 0.07 8.91
C GLN B 232 -5.39 -0.18 9.55
N PHE B 233 -5.54 -1.31 10.24
CA PHE B 233 -6.78 -1.62 10.97
C PHE B 233 -6.69 -1.22 12.45
N LYS B 234 -7.83 -1.09 13.11
CA LYS B 234 -7.86 -0.88 14.56
C LYS B 234 -7.70 -2.21 15.29
N VAL B 235 -7.21 -2.16 16.53
CA VAL B 235 -7.15 -3.36 17.35
C VAL B 235 -8.55 -3.93 17.53
N GLY B 236 -8.70 -5.20 17.19
CA GLY B 236 -9.97 -5.87 17.31
C GLY B 236 -10.90 -5.75 16.12
N GLN B 237 -10.56 -4.85 15.19
CA GLN B 237 -11.37 -4.68 13.98
C GLN B 237 -11.42 -5.96 13.16
N VAL B 238 -12.61 -6.25 12.65
CA VAL B 238 -12.88 -7.43 11.85
C VAL B 238 -13.23 -7.01 10.45
N SER B 239 -12.60 -7.63 9.46
CA SER B 239 -12.91 -7.27 8.08
C SER B 239 -12.64 -8.44 7.13
N ALA B 240 -13.27 -8.38 5.97
CA ALA B 240 -13.24 -9.47 5.00
C ALA B 240 -11.93 -9.50 4.22
N VAL B 241 -11.31 -10.67 4.14
CA VAL B 241 -10.03 -10.74 3.43
C VAL B 241 -10.05 -11.84 2.39
N LYS B 242 -9.11 -11.72 1.47
CA LYS B 242 -8.92 -12.71 0.44
C LYS B 242 -7.62 -13.43 0.73
N VAL B 243 -7.70 -14.75 0.83
CA VAL B 243 -6.54 -15.57 1.15
C VAL B 243 -5.68 -15.83 -0.07
N LEU B 244 -4.37 -15.64 0.05
CA LEU B 244 -3.44 -15.76 -1.08
C LEU B 244 -2.48 -16.95 -0.96
N GLY B 245 -2.10 -17.30 0.26
CA GLY B 245 -1.10 -18.33 0.44
C GLY B 245 -0.78 -18.49 1.90
N VAL B 246 0.19 -19.33 2.23
CA VAL B 246 0.50 -19.56 3.63
C VAL B 246 1.95 -19.98 3.81
N LEU B 247 2.54 -19.53 4.92
CA LEU B 247 3.91 -19.85 5.28
C LEU B 247 3.94 -20.90 6.39
N GLY B 248 4.65 -21.99 6.17
CA GLY B 248 4.65 -23.09 7.13
C GLY B 248 5.59 -22.86 8.30
N MET B 249 5.34 -21.82 9.07
CA MET B 249 6.16 -21.52 10.24
C MET B 249 6.03 -22.56 11.36
N ILE B 250 7.17 -23.06 11.84
CA ILE B 250 7.23 -23.87 13.05
C ILE B 250 7.83 -23.03 14.18
N ASP B 251 7.03 -22.72 15.18
CA ASP B 251 7.43 -21.76 16.22
C ASP B 251 7.62 -22.48 17.55
N GLU B 252 8.86 -22.52 18.02
CA GLU B 252 9.20 -23.21 19.27
C GLU B 252 8.73 -24.66 19.25
N GLY B 253 8.86 -25.32 18.10
CA GLY B 253 8.51 -26.72 17.97
C GLY B 253 7.04 -27.00 17.70
N LYS B 254 6.26 -25.94 17.51
CA LYS B 254 4.84 -26.11 17.21
C LYS B 254 4.45 -25.54 15.85
N MET B 255 3.50 -26.21 15.19
CA MET B 255 2.97 -25.75 13.92
C MET B 255 2.28 -24.41 14.10
N ASP B 256 2.67 -23.44 13.29
CA ASP B 256 2.24 -22.08 13.48
C ASP B 256 2.07 -21.38 12.13
N TRP B 257 1.25 -21.97 11.27
CA TRP B 257 0.98 -21.44 9.94
C TRP B 257 0.78 -19.94 9.95
N LYS B 258 1.33 -19.27 8.94
CA LYS B 258 1.11 -17.83 8.79
C LYS B 258 0.46 -17.61 7.43
N VAL B 259 -0.85 -17.36 7.45
CA VAL B 259 -1.61 -17.18 6.21
C VAL B 259 -1.42 -15.76 5.71
N VAL B 260 -1.10 -15.63 4.43
CA VAL B 260 -1.01 -14.33 3.79
C VAL B 260 -2.34 -14.04 3.15
N CYS B 261 -2.89 -12.87 3.45
CA CYS B 261 -4.18 -12.51 2.88
C CYS B 261 -4.21 -11.02 2.59
N ILE B 262 -5.23 -10.58 1.87
CA ILE B 262 -5.37 -9.17 1.63
C ILE B 262 -6.82 -8.74 1.69
N SER B 263 -7.05 -7.59 2.32
CA SER B 263 -8.36 -7.02 2.49
C SER B 263 -9.13 -6.85 1.19
N HIS B 264 -10.39 -7.27 1.19
CA HIS B 264 -11.24 -7.13 0.02
C HIS B 264 -11.54 -5.66 -0.29
N ASN B 265 -11.13 -4.77 0.62
CA ASN B 265 -11.28 -3.33 0.44
C ASN B 265 -10.03 -2.66 -0.10
N ASP B 266 -8.95 -3.44 -0.22
CA ASP B 266 -7.73 -2.86 -0.75
C ASP B 266 -7.87 -2.62 -2.26
N PRO B 267 -7.30 -1.49 -2.73
CA PRO B 267 -7.34 -1.05 -4.13
C PRO B 267 -6.74 -2.06 -5.08
N ILE B 268 -5.79 -2.89 -4.64
CA ILE B 268 -5.19 -3.87 -5.54
C ILE B 268 -5.66 -5.32 -5.28
N CYS B 269 -6.75 -5.48 -4.53
CA CYS B 269 -7.25 -6.83 -4.24
C CYS B 269 -7.64 -7.60 -5.49
N ARG B 270 -8.34 -6.94 -6.41
CA ARG B 270 -8.75 -7.55 -7.68
C ARG B 270 -7.56 -8.14 -8.46
N PHE B 271 -6.41 -7.50 -8.35
CA PHE B 271 -5.27 -7.90 -9.18
C PHE B 271 -4.43 -8.98 -8.54
N MET B 272 -4.62 -9.21 -7.25
CA MET B 272 -3.89 -10.24 -6.53
C MET B 272 -4.72 -11.51 -6.51
N LYS B 273 -4.34 -12.48 -7.32
CA LYS B 273 -5.19 -13.66 -7.49
C LYS B 273 -4.59 -14.93 -6.88
N ASP B 274 -3.28 -14.95 -6.65
CA ASP B 274 -2.66 -16.07 -5.95
C ASP B 274 -1.34 -15.61 -5.36
N ILE B 275 -0.62 -16.49 -4.70
CA ILE B 275 0.55 -16.10 -3.93
C ILE B 275 1.65 -15.52 -4.84
N HIS B 276 1.66 -15.95 -6.11
CA HIS B 276 2.69 -15.53 -7.06
C HIS B 276 2.53 -14.07 -7.47
N ASP B 277 1.34 -13.52 -7.31
CA ASP B 277 1.12 -12.13 -7.69
C ASP B 277 1.69 -11.17 -6.65
N VAL B 278 2.07 -11.67 -5.48
CA VAL B 278 2.51 -10.78 -4.42
C VAL B 278 3.90 -10.24 -4.75
N PRO B 279 4.81 -11.11 -5.20
CA PRO B 279 6.10 -10.60 -5.68
C PRO B 279 5.93 -9.71 -6.93
N LYS B 280 4.91 -9.93 -7.75
CA LYS B 280 4.71 -9.09 -8.93
C LYS B 280 4.33 -7.65 -8.60
N PHE B 281 3.53 -7.49 -7.56
CA PHE B 281 2.94 -6.18 -7.28
C PHE B 281 3.40 -5.62 -5.95
N LEU B 282 3.90 -6.50 -5.07
CA LEU B 282 4.48 -6.05 -3.80
C LEU B 282 5.84 -6.71 -3.58
N PRO B 283 6.80 -6.48 -4.49
CA PRO B 283 8.14 -7.09 -4.41
C PRO B 283 8.74 -6.90 -3.03
N GLY B 284 9.39 -7.94 -2.50
CA GLY B 284 10.01 -7.87 -1.19
C GLY B 284 9.08 -8.14 -0.01
N CYS B 285 7.77 -8.11 -0.27
CA CYS B 285 6.80 -8.27 0.82
C CYS B 285 6.91 -9.67 1.44
N LEU B 286 6.86 -10.71 0.60
CA LEU B 286 6.98 -12.07 1.08
C LEU B 286 8.31 -12.33 1.78
N ASP B 287 9.42 -11.90 1.18
CA ASP B 287 10.73 -12.09 1.78
C ASP B 287 10.79 -11.42 3.14
N ALA B 288 10.26 -10.21 3.24
CA ALA B 288 10.27 -9.46 4.49
C ALA B 288 9.40 -10.16 5.56
N ILE B 289 8.25 -10.67 5.16
CA ILE B 289 7.40 -11.41 6.10
C ILE B 289 8.11 -12.66 6.63
N ARG B 290 8.69 -13.44 5.73
CA ARG B 290 9.39 -14.67 6.14
C ARG B 290 10.52 -14.34 7.11
N GLU B 291 11.29 -13.30 6.79
CA GLU B 291 12.45 -12.93 7.59
C GLU B 291 12.07 -12.37 8.95
N TRP B 292 11.05 -11.52 8.99
CA TRP B 292 10.56 -10.96 10.24
C TRP B 292 10.19 -12.08 11.22
N PHE B 293 9.40 -13.05 10.74
CA PHE B 293 8.98 -14.15 11.57
C PHE B 293 10.11 -15.12 11.86
N ARG B 294 11.13 -15.14 10.99
CA ARG B 294 12.25 -16.03 11.22
C ARG B 294 13.06 -15.57 12.44
N VAL B 295 13.29 -14.27 12.56
CA VAL B 295 14.26 -13.76 13.54
C VAL B 295 13.72 -12.98 14.74
N TYR B 296 12.43 -12.66 14.77
CA TYR B 296 11.93 -11.66 15.74
C TYR B 296 12.10 -12.05 17.21
N LYS B 297 12.17 -13.33 17.52
CA LYS B 297 12.31 -13.76 18.91
C LYS B 297 13.76 -13.92 19.36
N ILE B 298 14.71 -13.84 18.42
CA ILE B 298 16.12 -14.04 18.72
C ILE B 298 16.61 -13.00 19.73
N CYS B 299 16.22 -11.75 19.51
CA CYS B 299 16.57 -10.67 20.40
C CYS B 299 15.88 -10.77 21.76
N GLN B 300 14.99 -11.76 21.93
CA GLN B 300 14.28 -11.97 23.21
C GLN B 300 14.84 -13.20 23.93
N GLY B 301 15.88 -13.80 23.36
CA GLY B 301 16.48 -14.99 23.93
C GLY B 301 16.01 -16.27 23.25
N GLY B 302 15.12 -16.13 22.27
CA GLY B 302 14.59 -17.29 21.57
C GLY B 302 15.48 -17.75 20.44
N GLU B 303 14.97 -18.68 19.65
CA GLU B 303 15.72 -19.25 18.55
C GLU B 303 15.09 -18.86 17.21
N ALA B 304 15.85 -18.98 16.12
CA ALA B 304 15.28 -18.73 14.81
C ALA B 304 14.10 -19.65 14.56
N SER B 305 13.07 -19.15 13.89
CA SER B 305 11.92 -19.99 13.56
C SER B 305 12.28 -20.95 12.44
N HIS B 306 11.64 -22.12 12.41
CA HIS B 306 11.79 -23.06 11.30
C HIS B 306 10.65 -22.92 10.30
N PHE B 307 10.86 -23.38 9.07
CA PHE B 307 9.78 -23.37 8.09
C PHE B 307 9.72 -24.68 7.33
N ALA B 308 8.52 -25.22 7.21
CA ALA B 308 8.28 -26.37 6.34
C ALA B 308 8.47 -25.94 4.88
N PHE B 309 8.66 -26.91 3.99
CA PHE B 309 8.78 -26.62 2.56
C PHE B 309 9.91 -25.63 2.28
N ASP B 310 10.94 -25.64 3.12
CA ASP B 310 12.10 -24.77 2.96
C ASP B 310 11.72 -23.29 2.91
N GLY B 311 10.65 -22.92 3.60
CA GLY B 311 10.28 -21.52 3.70
C GLY B 311 9.42 -21.07 2.54
N GLU B 312 9.05 -21.98 1.67
CA GLU B 312 8.18 -21.65 0.56
C GLU B 312 6.78 -21.19 1.01
N PHE B 313 6.28 -20.11 0.41
CA PHE B 313 4.90 -19.72 0.58
C PHE B 313 4.01 -20.60 -0.32
N LYS B 314 3.18 -21.43 0.30
CA LYS B 314 2.28 -22.29 -0.47
C LYS B 314 1.15 -21.44 -1.02
N ASP B 315 0.51 -21.91 -2.10
CA ASP B 315 -0.48 -21.08 -2.76
C ASP B 315 -1.84 -21.05 -2.03
N LYS B 316 -2.79 -20.33 -2.62
CA LYS B 316 -4.05 -20.08 -1.96
C LYS B 316 -4.88 -21.36 -1.81
N GLU B 317 -4.78 -22.29 -2.76
CA GLU B 317 -5.50 -23.56 -2.65
C GLU B 317 -5.05 -24.36 -1.42
N TYR B 318 -3.74 -24.36 -1.20
CA TYR B 318 -3.15 -25.04 -0.06
C TYR B 318 -3.51 -24.31 1.24
N ALA B 319 -3.51 -22.99 1.18
CA ALA B 319 -3.81 -22.18 2.35
C ALA B 319 -5.26 -22.38 2.78
N MET B 320 -6.18 -22.51 1.82
CA MET B 320 -7.58 -22.70 2.16
C MET B 320 -7.82 -24.09 2.71
N LYS B 321 -7.01 -25.06 2.30
CA LYS B 321 -7.11 -26.41 2.88
C LYS B 321 -6.69 -26.38 4.34
N VAL B 322 -5.59 -25.70 4.62
CA VAL B 322 -5.10 -25.58 5.99
C VAL B 322 -6.18 -24.93 6.86
N ILE B 323 -6.81 -23.88 6.34
CA ILE B 323 -7.85 -23.19 7.08
C ILE B 323 -9.08 -24.08 7.28
N ASP B 324 -9.48 -24.80 6.23
CA ASP B 324 -10.63 -25.70 6.33
C ASP B 324 -10.37 -26.74 7.41
N GLU B 325 -9.18 -27.33 7.37
CA GLU B 325 -8.82 -28.35 8.34
C GLU B 325 -8.73 -27.80 9.78
N SER B 326 -8.27 -26.56 9.95
CA SER B 326 -8.24 -25.98 11.29
C SER B 326 -9.65 -25.59 11.76
N HIS B 327 -10.56 -25.41 10.80
CA HIS B 327 -11.96 -25.17 11.08
C HIS B 327 -12.59 -26.46 11.61
N ASN B 328 -12.23 -27.59 11.00
CA ASN B 328 -12.68 -28.90 11.48
C ASN B 328 -12.22 -29.15 12.91
N MET B 329 -10.96 -28.83 13.19
CA MET B 329 -10.39 -28.98 14.52
C MET B 329 -11.13 -28.12 15.52
N TRP B 330 -11.47 -26.90 15.10
CA TRP B 330 -12.23 -26.02 15.96
C TRP B 330 -13.62 -26.59 16.23
N HIS B 331 -14.24 -27.21 15.23
CA HIS B 331 -15.52 -27.86 15.44
C HIS B 331 -15.41 -28.96 16.51
N ASN B 332 -14.34 -29.74 16.45
CA ASN B 332 -14.13 -30.80 17.43
C ASN B 332 -13.90 -30.19 18.80
N LEU B 333 -13.15 -29.09 18.86
CA LEU B 333 -12.84 -28.44 20.13
C LEU B 333 -14.10 -27.87 20.78
N LEU B 334 -14.84 -27.05 20.04
CA LEU B 334 -15.95 -26.32 20.61
C LEU B 334 -17.25 -27.13 20.65
N LYS B 335 -17.69 -27.62 19.49
CA LYS B 335 -18.97 -28.32 19.41
C LYS B 335 -18.93 -29.69 20.10
N VAL B 336 -17.97 -30.51 19.71
CA VAL B 336 -17.90 -31.86 20.24
C VAL B 336 -17.40 -31.92 21.68
N ASN B 337 -16.34 -31.19 22.01
CA ASN B 337 -15.80 -31.29 23.36
C ASN B 337 -16.13 -30.12 24.28
N LYS B 338 -16.95 -29.18 23.80
CA LYS B 338 -17.44 -28.08 24.62
C LYS B 338 -16.35 -27.21 25.26
N ARG B 339 -15.20 -27.09 24.62
CA ARG B 339 -14.14 -26.25 25.17
C ARG B 339 -14.17 -24.87 24.52
N GLY B 340 -14.70 -23.89 25.25
CA GLY B 340 -14.69 -22.50 24.79
C GLY B 340 -13.51 -21.73 25.35
N GLU B 341 -12.91 -22.28 26.41
CA GLU B 341 -11.71 -21.70 27.01
C GLU B 341 -10.68 -22.81 27.11
N LEU B 342 -9.41 -22.47 26.90
CA LEU B 342 -8.35 -23.44 26.98
C LEU B 342 -7.73 -23.50 28.38
#